data_6UEZ
#
_entry.id   6UEZ
#
_cell.length_a   91.180
_cell.length_b   165.070
_cell.length_c   154.030
_cell.angle_alpha   90.000
_cell.angle_beta   90.000
_cell.angle_gamma   90.000
#
_symmetry.space_group_name_H-M   'C 2 2 21'
#
loop_
_entity.id
_entity.type
_entity.pdbx_description
1 polymer 'Lanosterol 14-alpha demethylase'
2 non-polymer 'PROTOPORPHYRIN IX CONTAINING FE'
3 non-polymer LANOSTEROL
4 water water
#
_entity_poly.entity_id   1
_entity_poly.type   'polypeptide(L)'
_entity_poly.pdbx_seq_one_letter_code
;MAKKTSSKGKLPPYIFSPIPFLGHAIAFGKSPIEFLENAYEKYGPVFSFTMVGKTFTYLLGSDAAALLFNSKNEDLNAED
VYSRLTTPVFGKGVAYDVPNPVFLEQKKMLKSGLNIAHFKQHVSIIEKETKEYFESWGESGEKNVFEALSELIILTASHC
LHGKEIRSQLNEKVAQLYADLAGGFSHAAWLLPGWLPLPSFRRRDRAHREIKDIFYKAIQKRRQSQEKIDDILQTLLDAT
YKDGRPLTDDEVAGMLIGLLLAGQATSSTTSAWMGFFLARDKTLQKKCYLEQKTVCGENLPPLTYDQLKDLNLLDRCIKE
TLRLRPPIMIMMRMARTPQTVAGYTIPPGHQVCVSPTVNQRLKDSWVERLDFNPDRYLQDNPASGEKFAYVPFGAGRHRC
IGENFAYVQIKTIWSTMLRLYEFDLIDGYFPTVNYTTMIHTPENPVIRYKRRSK
;
_entity_poly.pdbx_strand_id   A,B
#
# COMPACT_ATOMS: atom_id res chain seq x y z
N LYS A 8 4.30 18.17 26.65
CA LYS A 8 5.40 18.72 27.51
C LYS A 8 5.46 17.90 28.81
N GLY A 9 4.30 17.68 29.43
CA GLY A 9 4.22 17.13 30.80
C GLY A 9 3.33 15.90 30.92
N LYS A 10 2.52 15.57 29.91
CA LYS A 10 1.53 14.46 30.08
C LYS A 10 2.23 13.11 29.90
N LEU A 11 2.70 12.51 31.00
CA LEU A 11 3.33 11.16 31.02
C LEU A 11 2.27 10.11 30.71
N PRO A 12 2.66 9.01 30.03
CA PRO A 12 1.73 7.90 29.76
C PRO A 12 1.19 7.39 31.09
N PRO A 13 -0.01 6.79 31.10
CA PRO A 13 -0.51 6.14 32.31
C PRO A 13 0.52 5.12 32.83
N TYR A 14 0.65 5.00 34.16
CA TYR A 14 1.65 4.13 34.83
C TYR A 14 0.93 2.93 35.47
N ILE A 15 1.42 1.71 35.22
CA ILE A 15 0.82 0.48 35.83
C ILE A 15 1.36 0.35 37.26
N PHE A 16 0.50 0.56 38.25
CA PHE A 16 0.88 0.46 39.69
C PHE A 16 1.40 -0.95 39.97
N SER A 17 2.57 -1.03 40.62
CA SER A 17 3.09 -2.28 41.23
C SER A 17 3.14 -2.12 42.75
N PRO A 18 2.60 -3.09 43.51
CA PRO A 18 2.67 -3.06 44.97
C PRO A 18 4.07 -3.47 45.48
N ILE A 19 4.99 -3.79 44.57
CA ILE A 19 6.38 -4.22 44.91
C ILE A 19 7.35 -3.13 44.45
N PRO A 20 8.03 -2.44 45.40
CA PRO A 20 9.00 -1.40 45.04
C PRO A 20 10.26 -1.96 44.37
N PHE A 21 10.81 -1.18 43.42
CA PHE A 21 12.04 -1.43 42.63
C PHE A 21 11.83 -2.57 41.62
N LEU A 22 11.50 -3.78 42.08
CA LEU A 22 11.31 -4.95 41.17
C LEU A 22 10.22 -4.60 40.15
N GLY A 23 9.06 -4.17 40.63
CA GLY A 23 7.91 -3.79 39.79
C GLY A 23 7.22 -5.03 39.24
N HIS A 24 7.05 -5.10 37.91
CA HIS A 24 6.34 -6.20 37.22
C HIS A 24 7.36 -7.14 36.55
N ALA A 25 8.63 -7.11 36.98
CA ALA A 25 9.72 -7.87 36.32
C ALA A 25 9.36 -9.36 36.22
N ILE A 26 8.66 -9.91 37.22
CA ILE A 26 8.35 -11.36 37.26
C ILE A 26 7.14 -11.68 36.37
N ALA A 27 6.02 -11.00 36.56
CA ALA A 27 4.78 -11.20 35.76
C ALA A 27 5.08 -10.99 34.28
N PHE A 28 5.87 -9.97 33.92
CA PHE A 28 6.16 -9.66 32.50
C PHE A 28 7.04 -10.76 31.91
N GLY A 29 8.17 -11.04 32.58
CA GLY A 29 9.14 -12.08 32.15
C GLY A 29 8.47 -13.43 31.97
N LYS A 30 7.47 -13.72 32.80
CA LYS A 30 6.85 -15.07 32.85
C LYS A 30 5.84 -15.23 31.70
N SER A 31 5.05 -14.19 31.40
CA SER A 31 3.99 -14.23 30.37
C SER A 31 3.87 -12.86 29.72
N PRO A 32 4.88 -12.48 28.91
CA PRO A 32 4.99 -11.13 28.37
C PRO A 32 3.81 -10.76 27.46
N ILE A 33 3.29 -11.72 26.68
CA ILE A 33 2.25 -11.43 25.65
C ILE A 33 0.92 -11.22 26.38
N GLU A 34 0.57 -12.13 27.28
CA GLU A 34 -0.63 -11.99 28.17
C GLU A 34 -0.55 -10.67 28.95
N PHE A 35 0.62 -10.34 29.53
CA PHE A 35 0.84 -9.09 30.30
C PHE A 35 0.51 -7.88 29.43
N LEU A 36 1.06 -7.80 28.22
CA LEU A 36 0.91 -6.59 27.35
C LEU A 36 -0.53 -6.50 26.82
N GLU A 37 -1.19 -7.63 26.54
CA GLU A 37 -2.59 -7.66 26.05
C GLU A 37 -3.54 -7.18 27.16
N ASN A 38 -3.32 -7.66 28.38
CA ASN A 38 -4.10 -7.22 29.58
C ASN A 38 -3.90 -5.72 29.79
N ALA A 39 -2.66 -5.24 29.65
CA ALA A 39 -2.30 -3.82 29.82
C ALA A 39 -2.97 -2.98 28.71
N TYR A 40 -3.03 -3.52 27.49
CA TYR A 40 -3.68 -2.85 26.33
C TYR A 40 -5.15 -2.60 26.66
N GLU A 41 -5.85 -3.62 27.16
CA GLU A 41 -7.30 -3.56 27.48
C GLU A 41 -7.54 -2.49 28.57
N LYS A 42 -6.64 -2.39 29.54
CA LYS A 42 -6.85 -1.55 30.75
C LYS A 42 -6.37 -0.12 30.51
N TYR A 43 -5.23 0.07 29.84
CA TYR A 43 -4.50 1.38 29.82
C TYR A 43 -4.48 1.97 28.41
N GLY A 44 -4.77 1.18 27.37
CA GLY A 44 -4.73 1.67 25.97
C GLY A 44 -3.37 1.43 25.31
N PRO A 45 -3.09 2.11 24.17
CA PRO A 45 -1.94 1.77 23.34
C PRO A 45 -0.58 2.19 23.90
N VAL A 46 -0.56 3.13 24.85
CA VAL A 46 0.71 3.71 25.38
C VAL A 46 0.64 3.71 26.91
N PHE A 47 1.59 3.02 27.55
CA PHE A 47 1.61 2.88 29.03
C PHE A 47 3.03 2.60 29.49
N SER A 48 3.25 2.82 30.80
CA SER A 48 4.58 2.79 31.46
C SER A 48 4.49 1.87 32.69
N PHE A 49 5.57 1.14 32.96
CA PHE A 49 5.68 0.31 34.17
C PHE A 49 7.15 0.16 34.56
N THR A 50 7.36 -0.22 35.83
CA THR A 50 8.71 -0.47 36.38
C THR A 50 9.07 -1.94 36.24
N MET A 51 10.32 -2.21 35.86
CA MET A 51 11.02 -3.50 36.12
C MET A 51 12.44 -3.19 36.62
N VAL A 52 12.83 -3.82 37.72
CA VAL A 52 14.24 -3.82 38.26
C VAL A 52 14.71 -2.37 38.34
N GLY A 53 13.84 -1.49 38.86
CA GLY A 53 14.15 -0.07 39.15
C GLY A 53 14.27 0.77 37.90
N LYS A 54 13.67 0.35 36.79
CA LYS A 54 13.71 1.13 35.51
C LYS A 54 12.30 1.21 34.92
N THR A 55 12.03 2.33 34.25
CA THR A 55 10.69 2.59 33.63
C THR A 55 10.75 2.13 32.18
N PHE A 56 9.80 1.26 31.81
CA PHE A 56 9.58 0.84 30.41
C PHE A 56 8.25 1.46 29.95
N THR A 57 8.24 1.96 28.72
CA THR A 57 7.03 2.52 28.05
C THR A 57 6.78 1.72 26.76
N TYR A 58 5.60 1.09 26.68
CA TYR A 58 5.22 0.22 25.55
C TYR A 58 4.28 0.98 24.60
N LEU A 59 4.57 0.81 23.30
CA LEU A 59 3.80 1.36 22.17
C LEU A 59 3.17 0.19 21.40
N LEU A 60 1.86 0.01 21.59
CA LEU A 60 1.09 -1.10 20.97
C LEU A 60 0.20 -0.55 19.86
N GLY A 61 -0.04 -1.36 18.83
CA GLY A 61 -0.81 -0.97 17.63
C GLY A 61 0.06 -0.16 16.68
N SER A 62 -0.36 -0.07 15.41
CA SER A 62 0.38 0.60 14.33
C SER A 62 0.73 2.04 14.73
N ASP A 63 -0.27 2.82 15.17
CA ASP A 63 -0.14 4.29 15.32
C ASP A 63 0.92 4.62 16.38
N ALA A 64 0.87 3.97 17.54
CA ALA A 64 1.83 4.20 18.64
C ALA A 64 3.21 3.65 18.25
N ALA A 65 3.30 2.45 17.68
CA ALA A 65 4.59 1.81 17.35
C ALA A 65 5.33 2.66 16.33
N ALA A 66 4.61 3.47 15.55
CA ALA A 66 5.19 4.33 14.49
C ALA A 66 6.30 5.20 15.06
N LEU A 67 6.14 5.68 16.31
CA LEU A 67 7.17 6.52 16.98
C LEU A 67 8.52 5.79 16.99
N LEU A 68 8.54 4.52 17.42
CA LEU A 68 9.80 3.74 17.47
C LEU A 68 10.32 3.48 16.05
N PHE A 69 9.44 3.07 15.13
CA PHE A 69 9.88 2.65 13.78
C PHE A 69 10.32 3.85 12.94
N ASN A 70 9.83 5.06 13.24
CA ASN A 70 10.17 6.28 12.46
C ASN A 70 11.36 7.03 13.09
N SER A 71 11.83 6.59 14.26
CA SER A 71 12.77 7.34 15.13
C SER A 71 14.22 7.19 14.64
N LYS A 72 14.99 8.28 14.77
CA LYS A 72 16.46 8.28 14.54
C LYS A 72 17.14 7.66 15.77
N ASN A 73 18.29 7.03 15.56
CA ASN A 73 19.02 6.31 16.65
C ASN A 73 19.46 7.32 17.72
N GLU A 74 19.63 8.60 17.38
CA GLU A 74 20.07 9.65 18.34
C GLU A 74 18.94 9.96 19.33
N ASP A 75 17.68 9.76 18.93
CA ASP A 75 16.51 10.07 19.80
C ASP A 75 16.09 8.79 20.54
N LEU A 76 15.79 7.70 19.82
CA LEU A 76 15.48 6.37 20.39
C LEU A 76 16.61 5.40 20.00
N ASN A 77 17.48 5.12 20.99
CA ASN A 77 18.82 4.53 20.78
C ASN A 77 18.75 3.01 20.98
N ALA A 78 19.27 2.23 20.03
CA ALA A 78 19.20 0.75 20.14
C ALA A 78 20.35 0.23 21.01
N GLU A 79 21.59 0.67 20.75
CA GLU A 79 22.82 0.08 21.33
C GLU A 79 22.84 0.31 22.85
N ASP A 80 22.19 1.37 23.34
CA ASP A 80 22.04 1.62 24.81
C ASP A 80 21.43 0.38 25.46
N VAL A 81 20.42 -0.22 24.84
CA VAL A 81 19.71 -1.41 25.41
C VAL A 81 20.42 -2.68 24.97
N TYR A 82 20.76 -2.81 23.68
CA TYR A 82 21.11 -4.13 23.08
C TYR A 82 22.53 -4.57 23.45
N SER A 83 23.45 -3.63 23.72
CA SER A 83 24.89 -3.97 23.98
C SER A 83 25.00 -5.06 25.05
N ARG A 84 24.35 -4.88 26.20
CA ARG A 84 24.41 -5.85 27.32
C ARG A 84 23.92 -7.23 26.85
N LEU A 85 23.08 -7.30 25.80
CA LEU A 85 22.52 -8.59 25.32
C LEU A 85 23.44 -9.21 24.28
N THR A 86 23.91 -8.44 23.30
CA THR A 86 24.54 -8.96 22.06
C THR A 86 26.06 -8.99 22.20
N THR A 87 26.64 -8.06 22.96
CA THR A 87 28.12 -7.88 23.06
C THR A 87 28.76 -9.14 23.62
N PRO A 88 28.24 -9.75 24.71
CA PRO A 88 28.74 -11.04 25.17
C PRO A 88 28.55 -12.16 24.14
N VAL A 89 27.64 -12.00 23.18
CA VAL A 89 27.32 -13.08 22.20
C VAL A 89 28.25 -12.96 20.99
N PHE A 90 28.37 -11.76 20.42
CA PHE A 90 29.17 -11.53 19.18
C PHE A 90 30.62 -11.18 19.53
N GLY A 91 30.86 -10.48 20.64
CA GLY A 91 32.19 -9.94 20.98
C GLY A 91 32.28 -8.43 20.79
N LYS A 92 33.36 -7.82 21.28
CA LYS A 92 33.53 -6.34 21.31
C LYS A 92 33.84 -5.83 19.89
N GLY A 93 33.42 -4.60 19.57
CA GLY A 93 33.78 -3.94 18.29
C GLY A 93 32.79 -4.15 17.16
N VAL A 94 31.74 -4.96 17.34
CA VAL A 94 30.73 -5.21 16.26
C VAL A 94 29.31 -4.95 16.79
N ALA A 95 28.38 -4.70 15.86
CA ALA A 95 26.94 -4.51 16.14
C ALA A 95 26.74 -3.38 17.15
N TYR A 96 26.29 -3.70 18.37
CA TYR A 96 25.78 -2.72 19.35
C TYR A 96 26.89 -2.39 20.37
N ASP A 97 28.12 -2.85 20.10
CA ASP A 97 29.29 -2.46 20.93
C ASP A 97 29.97 -1.23 20.33
N VAL A 98 29.50 -0.73 19.18
CA VAL A 98 30.10 0.47 18.52
C VAL A 98 29.01 1.51 18.27
N PRO A 99 29.39 2.76 17.90
CA PRO A 99 28.41 3.76 17.46
C PRO A 99 27.72 3.30 16.18
N ASN A 100 26.45 3.69 16.03
CA ASN A 100 25.56 3.28 14.91
C ASN A 100 26.26 3.50 13.57
N PRO A 101 26.90 4.66 13.30
CA PRO A 101 27.50 4.91 11.99
C PRO A 101 28.53 3.82 11.65
N VAL A 102 29.28 3.36 12.66
CA VAL A 102 30.26 2.24 12.48
C VAL A 102 29.48 0.98 12.12
N PHE A 103 28.44 0.67 12.91
CA PHE A 103 27.57 -0.51 12.67
C PHE A 103 26.94 -0.40 11.29
N LEU A 104 26.53 0.80 10.85
CA LEU A 104 25.89 0.98 9.52
C LEU A 104 26.89 0.55 8.43
N GLU A 105 28.20 0.71 8.68
CA GLU A 105 29.23 0.21 7.72
C GLU A 105 29.30 -1.32 7.77
N GLN A 106 29.18 -1.93 8.95
CA GLN A 106 29.26 -3.42 9.08
C GLN A 106 28.03 -4.03 8.40
N LYS A 107 26.86 -3.40 8.58
CA LYS A 107 25.56 -3.90 8.04
C LYS A 107 25.66 -3.91 6.50
N LYS A 108 26.21 -2.83 5.93
CA LYS A 108 26.38 -2.69 4.46
C LYS A 108 27.27 -3.84 3.96
N MET A 109 28.34 -4.15 4.68
CA MET A 109 29.31 -5.20 4.31
C MET A 109 28.57 -6.56 4.25
N LEU A 110 27.75 -6.86 5.27
CA LEU A 110 27.04 -8.16 5.36
C LEU A 110 25.92 -8.23 4.32
N LYS A 111 25.62 -7.11 3.66
CA LYS A 111 24.55 -7.01 2.63
C LYS A 111 25.11 -7.39 1.26
N SER A 112 26.44 -7.49 1.12
CA SER A 112 27.12 -7.64 -0.18
C SER A 112 26.76 -8.99 -0.83
N GLY A 113 26.40 -10.01 -0.06
CA GLY A 113 26.03 -11.31 -0.66
C GLY A 113 24.53 -11.52 -0.71
N LEU A 114 23.73 -10.51 -0.34
CA LEU A 114 22.27 -10.69 -0.30
C LEU A 114 21.63 -10.14 -1.58
N ASN A 115 21.62 -10.95 -2.65
CA ASN A 115 21.00 -10.49 -3.92
C ASN A 115 20.49 -11.73 -4.68
N ILE A 116 19.64 -11.48 -5.68
CA ILE A 116 19.00 -12.57 -6.47
C ILE A 116 20.10 -13.42 -7.11
N ALA A 117 21.21 -12.79 -7.53
CA ALA A 117 22.38 -13.48 -8.13
C ALA A 117 22.80 -14.62 -7.19
N HIS A 118 23.03 -14.28 -5.91
CA HIS A 118 23.40 -15.25 -4.86
C HIS A 118 22.22 -16.17 -4.52
N PHE A 119 21.00 -15.63 -4.32
CA PHE A 119 19.84 -16.43 -3.86
C PHE A 119 19.57 -17.57 -4.86
N LYS A 120 19.77 -17.30 -6.16
CA LYS A 120 19.58 -18.30 -7.24
C LYS A 120 20.49 -19.51 -6.97
N GLN A 121 21.73 -19.28 -6.57
CA GLN A 121 22.70 -20.35 -6.17
C GLN A 121 22.21 -21.02 -4.89
N HIS A 122 21.68 -20.22 -3.95
CA HIS A 122 21.28 -20.68 -2.59
C HIS A 122 20.25 -21.80 -2.72
N VAL A 123 19.28 -21.66 -3.62
CA VAL A 123 18.12 -22.60 -3.67
C VAL A 123 18.66 -24.03 -3.72
N SER A 124 19.59 -24.34 -4.63
CA SER A 124 20.00 -25.76 -4.83
C SER A 124 20.82 -26.23 -3.63
N ILE A 125 21.71 -25.38 -3.10
CA ILE A 125 22.53 -25.68 -1.89
C ILE A 125 21.60 -26.11 -0.75
N ILE A 126 20.56 -25.30 -0.48
CA ILE A 126 19.64 -25.57 0.66
C ILE A 126 18.87 -26.87 0.42
N GLU A 127 18.29 -27.01 -0.78
CA GLU A 127 17.51 -28.23 -1.16
C GLU A 127 18.38 -29.46 -0.90
N LYS A 128 19.64 -29.43 -1.35
CA LYS A 128 20.57 -30.58 -1.19
C LYS A 128 20.84 -30.84 0.30
N GLU A 129 21.24 -29.81 1.06
CA GLU A 129 21.55 -29.97 2.50
C GLU A 129 20.35 -30.57 3.24
N THR A 130 19.14 -30.15 2.87
CA THR A 130 17.87 -30.61 3.48
C THR A 130 17.66 -32.09 3.13
N LYS A 131 17.73 -32.41 1.83
CA LYS A 131 17.57 -33.80 1.34
C LYS A 131 18.61 -34.70 2.04
N GLU A 132 19.86 -34.23 2.12
CA GLU A 132 21.00 -34.98 2.75
C GLU A 132 20.73 -35.18 4.25
N TYR A 133 20.45 -34.11 4.99
CA TYR A 133 20.27 -34.17 6.46
C TYR A 133 19.16 -35.17 6.83
N PHE A 134 18.08 -35.23 6.05
CA PHE A 134 16.82 -35.90 6.47
C PHE A 134 16.85 -37.39 6.10
N GLU A 135 17.83 -37.81 5.29
CA GLU A 135 18.08 -39.25 5.02
C GLU A 135 18.28 -39.97 6.37
N SER A 136 18.66 -39.22 7.41
CA SER A 136 18.88 -39.75 8.78
C SER A 136 17.55 -40.08 9.46
N TRP A 137 16.42 -39.67 8.87
CA TRP A 137 15.07 -39.77 9.50
C TRP A 137 14.33 -41.04 9.03
N GLY A 138 14.81 -41.67 7.96
CA GLY A 138 14.25 -42.95 7.46
C GLY A 138 12.86 -42.78 6.87
N GLU A 139 12.00 -43.79 6.98
CA GLU A 139 10.72 -43.84 6.23
C GLU A 139 9.59 -43.27 7.09
N SER A 140 9.71 -43.37 8.41
CA SER A 140 8.69 -42.89 9.40
C SER A 140 9.31 -42.74 10.78
N GLY A 141 8.58 -42.14 11.72
CA GLY A 141 9.02 -42.00 13.12
C GLY A 141 8.51 -40.75 13.81
N GLU A 142 9.01 -40.51 15.02
CA GLU A 142 8.66 -39.40 15.95
C GLU A 142 9.97 -38.73 16.40
N LYS A 143 10.24 -37.52 15.91
CA LYS A 143 11.56 -36.88 16.17
C LYS A 143 11.36 -35.40 16.55
N ASN A 144 12.35 -34.86 17.25
CA ASN A 144 12.40 -33.42 17.61
C ASN A 144 12.70 -32.63 16.34
N VAL A 145 11.67 -32.01 15.77
CA VAL A 145 11.84 -31.26 14.49
C VAL A 145 12.58 -29.95 14.78
N PHE A 146 12.54 -29.45 16.02
CA PHE A 146 13.22 -28.18 16.37
C PHE A 146 14.74 -28.42 16.46
N GLU A 147 15.17 -29.57 17.01
CA GLU A 147 16.61 -29.89 17.07
C GLU A 147 17.14 -30.16 15.66
N ALA A 148 16.35 -30.84 14.80
CA ALA A 148 16.73 -31.14 13.41
C ALA A 148 16.87 -29.84 12.61
N LEU A 149 15.89 -28.94 12.68
CA LEU A 149 15.94 -27.66 11.93
C LEU A 149 17.08 -26.78 12.46
N SER A 150 17.33 -26.79 13.78
CA SER A 150 18.45 -26.04 14.41
C SER A 150 19.77 -26.53 13.83
N GLU A 151 19.93 -27.86 13.73
CA GLU A 151 21.13 -28.52 13.15
C GLU A 151 21.23 -28.17 11.66
N LEU A 152 20.16 -28.46 10.91
CA LEU A 152 20.11 -28.29 9.44
C LEU A 152 20.46 -26.84 9.09
N ILE A 153 19.93 -25.87 9.84
CA ILE A 153 19.99 -24.44 9.39
C ILE A 153 21.36 -23.85 9.74
N ILE A 154 22.10 -24.44 10.68
CA ILE A 154 23.54 -24.12 10.83
C ILE A 154 24.23 -24.44 9.50
N LEU A 155 23.90 -25.59 8.89
CA LEU A 155 24.55 -26.10 7.65
C LEU A 155 24.09 -25.24 6.46
N THR A 156 22.81 -24.86 6.39
CA THR A 156 22.27 -24.16 5.20
C THR A 156 22.64 -22.67 5.25
N ALA A 157 22.57 -22.06 6.43
CA ALA A 157 22.89 -20.62 6.61
C ALA A 157 24.38 -20.39 6.35
N SER A 158 25.25 -21.25 6.91
CA SER A 158 26.73 -21.13 6.79
C SER A 158 27.16 -21.35 5.33
N HIS A 159 26.62 -22.39 4.70
CA HIS A 159 26.93 -22.74 3.29
C HIS A 159 26.56 -21.58 2.37
N CYS A 160 25.37 -21.00 2.56
CA CYS A 160 24.82 -19.92 1.69
C CYS A 160 25.46 -18.57 2.05
N LEU A 161 25.43 -18.18 3.32
CA LEU A 161 25.91 -16.83 3.73
C LEU A 161 27.44 -16.83 3.88
N HIS A 162 28.03 -17.89 4.44
CA HIS A 162 29.47 -17.90 4.78
C HIS A 162 30.32 -18.50 3.64
N GLY A 163 29.76 -19.47 2.91
CA GLY A 163 30.45 -20.14 1.78
C GLY A 163 30.95 -21.51 2.17
N LYS A 164 31.31 -22.32 1.17
CA LYS A 164 31.63 -23.78 1.32
C LYS A 164 32.89 -23.95 2.18
N GLU A 165 33.85 -23.03 2.09
CA GLU A 165 35.08 -23.11 2.93
C GLU A 165 34.67 -23.14 4.41
N ILE A 166 33.98 -22.11 4.91
CA ILE A 166 33.54 -22.04 6.34
C ILE A 166 32.58 -23.19 6.62
N ARG A 167 31.63 -23.46 5.71
CA ARG A 167 30.64 -24.56 5.85
C ARG A 167 31.36 -25.88 6.16
N SER A 168 32.45 -26.17 5.44
CA SER A 168 33.21 -27.44 5.57
C SER A 168 33.85 -27.54 6.96
N GLN A 169 34.01 -26.41 7.66
CA GLN A 169 34.63 -26.39 9.02
C GLN A 169 33.55 -26.54 10.10
N LEU A 170 32.28 -26.54 9.73
CA LEU A 170 31.15 -26.62 10.70
C LEU A 170 30.44 -27.98 10.55
N ASN A 171 29.78 -28.40 11.62
CA ASN A 171 28.94 -29.64 11.70
C ASN A 171 27.72 -29.33 12.57
N GLU A 172 26.83 -30.32 12.76
CA GLU A 172 25.52 -30.17 13.44
C GLU A 172 25.73 -29.84 14.92
N LYS A 173 26.89 -30.18 15.49
CA LYS A 173 27.25 -29.95 16.92
C LYS A 173 27.27 -28.45 17.23
N VAL A 174 27.54 -27.63 16.21
CA VAL A 174 27.63 -26.14 16.33
C VAL A 174 26.23 -25.61 16.73
N ALA A 175 25.18 -26.38 16.45
CA ALA A 175 23.77 -26.05 16.79
C ALA A 175 23.64 -25.93 18.32
N GLN A 176 24.33 -26.76 19.09
CA GLN A 176 24.30 -26.66 20.58
C GLN A 176 25.03 -25.38 21.04
N LEU A 177 26.15 -25.04 20.40
CA LEU A 177 26.86 -23.76 20.68
C LEU A 177 25.87 -22.61 20.47
N TYR A 178 25.14 -22.64 19.36
CA TYR A 178 24.29 -21.49 18.91
C TYR A 178 23.03 -21.43 19.78
N ALA A 179 22.61 -22.57 20.35
CA ALA A 179 21.48 -22.61 21.31
C ALA A 179 21.95 -22.00 22.64
N ASP A 180 23.22 -22.16 22.99
CA ASP A 180 23.79 -21.58 24.23
C ASP A 180 24.00 -20.08 24.04
N LEU A 181 24.46 -19.65 22.88
CA LEU A 181 24.57 -18.20 22.53
C LEU A 181 23.19 -17.57 22.64
N ALA A 182 22.19 -18.20 22.02
CA ALA A 182 20.78 -17.72 21.97
C ALA A 182 20.19 -17.68 23.38
N GLY A 183 20.68 -18.53 24.29
CA GLY A 183 20.30 -18.53 25.72
C GLY A 183 20.67 -17.23 26.40
N GLY A 184 21.62 -16.48 25.83
CA GLY A 184 21.99 -15.13 26.31
C GLY A 184 20.89 -14.10 26.11
N PHE A 185 19.93 -14.35 25.22
CA PHE A 185 18.83 -13.39 24.92
C PHE A 185 17.65 -13.69 25.84
N SER A 186 17.80 -13.25 27.09
CA SER A 186 16.80 -13.56 28.13
C SER A 186 16.48 -12.33 28.96
N HIS A 187 15.41 -12.47 29.74
CA HIS A 187 14.92 -11.42 30.67
C HIS A 187 16.06 -11.08 31.64
N ALA A 188 16.78 -12.10 32.12
CA ALA A 188 17.89 -11.91 33.07
C ALA A 188 19.02 -11.08 32.43
N ALA A 189 19.44 -11.42 31.20
CA ALA A 189 20.52 -10.69 30.52
C ALA A 189 20.05 -9.25 30.22
N TRP A 190 18.77 -9.10 29.89
CA TRP A 190 18.19 -7.78 29.56
C TRP A 190 18.21 -6.87 30.79
N LEU A 191 17.96 -7.39 32.00
CA LEU A 191 17.74 -6.50 33.16
C LEU A 191 18.77 -6.62 34.29
N LEU A 192 19.70 -7.59 34.27
CA LEU A 192 20.67 -7.79 35.39
C LEU A 192 22.13 -7.50 34.99
N PRO A 193 23.06 -7.27 35.95
CA PRO A 193 24.52 -7.14 35.79
C PRO A 193 25.06 -8.41 35.13
N GLY A 194 26.01 -8.32 34.19
CA GLY A 194 26.32 -9.52 33.39
C GLY A 194 27.26 -10.50 34.08
N TRP A 195 26.98 -10.97 35.30
CA TRP A 195 27.70 -12.09 35.95
C TRP A 195 26.71 -13.15 36.45
N LEU A 196 26.47 -14.21 35.68
CA LEU A 196 25.41 -15.23 35.96
C LEU A 196 25.96 -16.63 35.80
N PRO A 197 25.28 -17.66 36.38
CA PRO A 197 25.71 -19.06 36.27
C PRO A 197 25.71 -19.67 34.86
N LEU A 198 24.87 -19.19 33.95
CA LEU A 198 24.66 -19.74 32.59
C LEU A 198 25.89 -19.63 31.67
N PRO A 199 25.95 -20.55 30.67
CA PRO A 199 26.99 -20.81 29.67
C PRO A 199 27.06 -20.19 28.26
N SER A 200 26.42 -19.04 28.02
CA SER A 200 26.60 -18.21 26.81
C SER A 200 28.09 -17.90 26.62
N PHE A 201 28.79 -17.64 27.72
CA PHE A 201 30.23 -17.24 27.71
C PHE A 201 31.11 -18.34 27.11
N ARG A 202 30.89 -19.58 27.53
CA ARG A 202 31.68 -20.75 27.08
C ARG A 202 31.47 -20.94 25.56
N ARG A 203 30.24 -20.76 25.11
CA ARG A 203 29.96 -20.96 23.66
C ARG A 203 30.57 -19.85 22.81
N ARG A 204 30.64 -18.61 23.29
CA ARG A 204 31.27 -17.49 22.53
C ARG A 204 32.75 -17.78 22.30
N ASP A 205 33.49 -18.18 23.33
CA ASP A 205 34.95 -18.47 23.19
C ASP A 205 35.14 -19.60 22.18
N ARG A 206 34.33 -20.66 22.27
CA ARG A 206 34.48 -21.81 21.35
C ARG A 206 34.19 -21.39 19.91
N ALA A 207 33.12 -20.61 19.69
CA ALA A 207 32.74 -20.17 18.32
C ALA A 207 33.80 -19.21 17.77
N HIS A 208 34.31 -18.29 18.60
CA HIS A 208 35.31 -17.30 18.15
C HIS A 208 36.55 -18.07 17.71
N ARG A 209 36.89 -19.11 18.47
CA ARG A 209 38.06 -19.97 18.17
C ARG A 209 37.91 -20.55 16.77
N GLU A 210 36.78 -21.20 16.50
CA GLU A 210 36.55 -21.79 15.15
C GLU A 210 36.74 -20.74 14.07
N ILE A 211 36.15 -19.55 14.22
CA ILE A 211 36.18 -18.52 13.13
C ILE A 211 37.60 -17.93 13.06
N LYS A 212 38.35 -17.91 14.17
CA LYS A 212 39.75 -17.42 14.19
C LYS A 212 40.63 -18.39 13.39
N ASP A 213 40.34 -19.69 13.47
CA ASP A 213 41.17 -20.72 12.79
C ASP A 213 40.74 -20.81 11.31
N ILE A 214 39.48 -20.53 10.95
CA ILE A 214 39.09 -20.51 9.51
C ILE A 214 39.85 -19.38 8.81
N PHE A 215 39.94 -18.17 9.37
CA PHE A 215 40.61 -17.08 8.63
C PHE A 215 42.07 -16.97 9.03
N TYR A 216 42.50 -17.49 10.19
CA TYR A 216 43.95 -17.68 10.49
C TYR A 216 44.51 -18.59 9.38
N LYS A 217 43.71 -19.54 8.92
CA LYS A 217 44.04 -20.46 7.80
C LYS A 217 44.01 -19.67 6.48
N ALA A 218 42.97 -18.86 6.25
CA ALA A 218 42.86 -18.00 5.03
C ALA A 218 43.95 -16.92 5.09
N ILE A 219 44.26 -16.38 6.27
CA ILE A 219 45.29 -15.31 6.49
C ILE A 219 46.67 -15.96 6.63
N GLN A 220 46.73 -17.25 6.94
CA GLN A 220 47.96 -18.09 6.85
C GLN A 220 48.41 -18.13 5.38
N LYS A 221 47.43 -18.01 4.46
CA LYS A 221 47.66 -17.88 3.01
C LYS A 221 47.63 -16.39 2.63
N ARG A 222 46.94 -15.56 3.40
CA ARG A 222 46.74 -14.11 3.09
C ARG A 222 48.09 -13.39 3.03
N ARG A 223 49.19 -13.97 3.53
CA ARG A 223 50.49 -13.26 3.63
C ARG A 223 51.20 -13.21 2.27
N GLN A 224 51.36 -14.33 1.57
CA GLN A 224 51.91 -14.33 0.18
C GLN A 224 50.82 -14.84 -0.76
N SER A 225 49.57 -14.97 -0.30
CA SER A 225 48.55 -15.56 -1.22
C SER A 225 47.60 -14.52 -1.78
N GLN A 226 47.53 -14.50 -3.11
CA GLN A 226 46.56 -13.65 -3.85
C GLN A 226 45.61 -14.65 -4.52
N GLU A 227 44.47 -14.95 -3.89
CA GLU A 227 43.47 -15.88 -4.48
C GLU A 227 42.85 -15.19 -5.70
N LYS A 228 42.62 -15.94 -6.79
CA LYS A 228 41.93 -15.46 -8.02
C LYS A 228 40.72 -16.36 -8.28
N ILE A 229 39.75 -16.39 -7.36
CA ILE A 229 38.45 -17.13 -7.47
C ILE A 229 37.33 -16.27 -6.88
N ASP A 230 36.13 -16.32 -7.44
CA ASP A 230 34.95 -15.61 -6.86
C ASP A 230 34.72 -16.14 -5.43
N ASP A 231 34.83 -15.26 -4.43
CA ASP A 231 34.79 -15.56 -2.98
C ASP A 231 33.72 -14.67 -2.32
N ILE A 232 33.38 -14.95 -1.06
CA ILE A 232 32.82 -13.93 -0.11
C ILE A 232 33.87 -13.65 0.96
N LEU A 233 34.48 -14.68 1.58
CA LEU A 233 35.23 -14.52 2.85
C LEU A 233 36.33 -13.46 2.67
N GLN A 234 36.86 -13.33 1.46
CA GLN A 234 37.83 -12.26 1.11
C GLN A 234 37.17 -10.90 1.38
N THR A 235 35.86 -10.77 1.12
CA THR A 235 35.11 -9.49 1.25
C THR A 235 35.42 -8.84 2.60
N LEU A 236 35.18 -9.62 3.67
CA LEU A 236 35.39 -9.15 5.06
C LEU A 236 36.90 -8.93 5.30
N LEU A 237 37.77 -9.78 4.75
CA LEU A 237 39.24 -9.60 4.95
C LEU A 237 39.76 -8.47 4.05
N ASP A 238 39.12 -8.23 2.90
CA ASP A 238 39.56 -7.26 1.88
C ASP A 238 38.85 -5.91 2.06
N ALA A 239 37.93 -5.78 3.03
CA ALA A 239 37.15 -4.53 3.20
C ALA A 239 37.94 -3.53 4.04
N THR A 240 37.56 -2.25 3.95
CA THR A 240 37.98 -1.17 4.89
C THR A 240 36.76 -0.34 5.28
N TYR A 241 36.77 0.26 6.48
CA TYR A 241 35.84 1.35 6.86
C TYR A 241 36.08 2.54 5.92
N LYS A 242 35.14 3.50 5.93
CA LYS A 242 35.16 4.73 5.09
C LYS A 242 36.46 5.50 5.34
N ASP A 243 37.07 5.32 6.52
CA ASP A 243 38.31 6.03 6.92
C ASP A 243 39.54 5.25 6.39
N GLY A 244 39.32 4.20 5.60
CA GLY A 244 40.40 3.40 4.98
C GLY A 244 40.89 2.25 5.85
N ARG A 245 40.52 2.20 7.14
CA ARG A 245 41.09 1.21 8.11
C ARG A 245 40.54 -0.19 7.85
N PRO A 246 41.41 -1.22 7.77
CA PRO A 246 40.97 -2.61 7.60
C PRO A 246 40.33 -3.17 8.88
N LEU A 247 39.58 -4.27 8.76
CA LEU A 247 39.01 -4.99 9.93
C LEU A 247 40.14 -5.69 10.68
N THR A 248 40.09 -5.71 12.02
CA THR A 248 40.92 -6.61 12.85
C THR A 248 40.35 -8.03 12.73
N ASP A 249 41.15 -9.03 13.11
CA ASP A 249 40.72 -10.44 13.17
C ASP A 249 39.52 -10.56 14.11
N ASP A 250 39.50 -9.75 15.18
CA ASP A 250 38.41 -9.80 16.19
C ASP A 250 37.10 -9.36 15.54
N GLU A 251 37.13 -8.27 14.75
CA GLU A 251 35.96 -7.70 14.04
C GLU A 251 35.46 -8.69 12.99
N VAL A 252 36.37 -9.28 12.20
CA VAL A 252 35.97 -10.31 11.20
C VAL A 252 35.25 -11.45 11.94
N ALA A 253 35.83 -11.92 13.04
CA ALA A 253 35.30 -13.07 13.82
C ALA A 253 33.88 -12.76 14.28
N GLY A 254 33.70 -11.60 14.95
CA GLY A 254 32.42 -11.16 15.52
C GLY A 254 31.34 -11.04 14.46
N MET A 255 31.70 -10.58 13.26
CA MET A 255 30.72 -10.43 12.16
C MET A 255 30.33 -11.81 11.60
N LEU A 256 31.24 -12.79 11.64
CA LEU A 256 30.92 -14.16 11.16
C LEU A 256 30.00 -14.87 12.17
N ILE A 257 30.27 -14.73 13.47
CA ILE A 257 29.38 -15.26 14.54
C ILE A 257 27.98 -14.68 14.34
N GLY A 258 27.91 -13.37 14.14
CA GLY A 258 26.67 -12.57 14.03
C GLY A 258 25.89 -12.95 12.79
N LEU A 259 26.58 -13.07 11.65
CA LEU A 259 25.88 -13.46 10.40
C LEU A 259 25.29 -14.86 10.58
N LEU A 260 26.04 -15.76 11.20
CA LEU A 260 25.51 -17.15 11.38
C LEU A 260 24.34 -17.13 12.36
N LEU A 261 24.43 -16.33 13.41
CA LEU A 261 23.30 -16.25 14.36
C LEU A 261 22.06 -15.71 13.65
N ALA A 262 22.21 -14.64 12.87
CA ALA A 262 21.08 -14.01 12.15
C ALA A 262 20.45 -15.02 11.19
N GLY A 263 21.28 -15.82 10.53
CA GLY A 263 20.85 -16.82 9.53
C GLY A 263 20.13 -17.99 10.18
N GLN A 264 20.48 -18.33 11.41
CA GLN A 264 20.01 -19.59 12.02
C GLN A 264 19.02 -19.37 13.18
N ALA A 265 19.32 -18.51 14.14
CA ALA A 265 18.49 -18.40 15.36
C ALA A 265 17.07 -17.98 15.00
N THR A 266 16.90 -17.09 14.01
CA THR A 266 15.56 -16.59 13.61
C THR A 266 14.80 -17.64 12.79
N SER A 267 15.48 -18.40 11.93
CA SER A 267 14.81 -19.32 10.98
C SER A 267 14.44 -20.66 11.63
N SER A 268 15.18 -21.07 12.65
CA SER A 268 15.04 -22.41 13.28
C SER A 268 13.73 -22.48 14.07
N THR A 269 13.40 -21.47 14.87
CA THR A 269 12.14 -21.43 15.65
C THR A 269 10.96 -21.27 14.68
N THR A 270 11.04 -20.33 13.73
CA THR A 270 9.97 -20.08 12.73
C THR A 270 9.69 -21.38 11.96
N SER A 271 10.74 -22.06 11.49
CA SER A 271 10.63 -23.30 10.67
C SER A 271 9.96 -24.41 11.48
N ALA A 272 10.29 -24.55 12.77
CA ALA A 272 9.71 -25.55 13.68
C ALA A 272 8.20 -25.28 13.86
N TRP A 273 7.87 -24.03 14.16
CA TRP A 273 6.47 -23.58 14.41
C TRP A 273 5.62 -23.87 13.17
N MET A 274 6.16 -23.60 11.98
CA MET A 274 5.41 -23.78 10.71
C MET A 274 5.11 -25.28 10.54
N GLY A 275 6.07 -26.13 10.92
CA GLY A 275 5.91 -27.60 10.97
C GLY A 275 4.65 -27.98 11.73
N PHE A 276 4.46 -27.42 12.92
CA PHE A 276 3.33 -27.76 13.82
C PHE A 276 2.02 -27.16 13.30
N PHE A 277 2.05 -25.95 12.72
CA PHE A 277 0.84 -25.33 12.13
C PHE A 277 0.35 -26.20 10.97
N LEU A 278 1.28 -26.77 10.18
CA LEU A 278 0.96 -27.57 8.98
C LEU A 278 0.52 -28.99 9.39
N ALA A 279 1.10 -29.54 10.46
CA ALA A 279 0.74 -30.86 11.01
C ALA A 279 -0.66 -30.77 11.62
N ARG A 280 -0.98 -29.67 12.30
CA ARG A 280 -2.33 -29.49 12.88
C ARG A 280 -3.36 -29.35 11.77
N ASP A 281 -3.08 -28.58 10.72
CA ASP A 281 -4.04 -28.38 9.60
C ASP A 281 -3.66 -29.30 8.44
N LYS A 282 -4.13 -30.55 8.49
CA LYS A 282 -3.77 -31.58 7.48
C LYS A 282 -4.25 -31.12 6.09
N THR A 283 -5.44 -30.50 6.03
CA THR A 283 -6.04 -29.99 4.77
C THR A 283 -5.12 -28.93 4.18
N LEU A 284 -4.64 -28.01 5.02
CA LEU A 284 -3.71 -26.93 4.57
C LEU A 284 -2.42 -27.59 4.07
N GLN A 285 -1.93 -28.59 4.80
CA GLN A 285 -0.66 -29.29 4.45
C GLN A 285 -0.79 -30.00 3.10
N LYS A 286 -1.89 -30.71 2.85
CA LYS A 286 -2.08 -31.40 1.55
C LYS A 286 -2.18 -30.34 0.44
N LYS A 287 -2.76 -29.17 0.71
CA LYS A 287 -2.85 -28.09 -0.29
C LYS A 287 -1.44 -27.56 -0.63
N CYS A 288 -0.56 -27.44 0.37
CA CYS A 288 0.84 -26.98 0.19
C CYS A 288 1.59 -27.99 -0.70
N TYR A 289 1.39 -29.28 -0.44
CA TYR A 289 2.03 -30.38 -1.22
C TYR A 289 1.54 -30.30 -2.67
N LEU A 290 0.21 -30.31 -2.84
CA LEU A 290 -0.43 -30.20 -4.19
C LEU A 290 0.09 -28.93 -4.89
N GLU A 291 0.31 -27.85 -4.15
CA GLU A 291 0.85 -26.60 -4.74
C GLU A 291 2.21 -26.91 -5.38
N GLN A 292 3.05 -27.69 -4.70
CA GLN A 292 4.41 -28.05 -5.18
C GLN A 292 4.27 -28.63 -6.59
N LYS A 293 3.29 -29.52 -6.78
CA LYS A 293 3.08 -30.25 -8.07
C LYS A 293 2.46 -29.29 -9.10
N THR A 294 1.46 -28.48 -8.69
CA THR A 294 0.82 -27.46 -9.56
C THR A 294 1.88 -26.51 -10.12
N VAL A 295 2.76 -25.97 -9.27
CA VAL A 295 3.76 -24.94 -9.69
C VAL A 295 4.94 -25.61 -10.41
N CYS A 296 5.50 -26.69 -9.86
CA CYS A 296 6.82 -27.25 -10.26
C CYS A 296 6.68 -28.38 -11.28
N GLY A 297 5.56 -29.11 -11.25
CA GLY A 297 5.30 -30.30 -12.09
C GLY A 297 5.11 -31.54 -11.24
N GLU A 298 4.28 -32.48 -11.71
CA GLU A 298 3.96 -33.78 -11.06
C GLU A 298 5.24 -34.49 -10.60
N ASN A 299 6.28 -34.41 -11.42
CA ASN A 299 7.52 -35.22 -11.26
C ASN A 299 8.42 -34.61 -10.19
N LEU A 300 8.16 -33.37 -9.76
CA LEU A 300 8.92 -32.69 -8.68
C LEU A 300 10.41 -32.70 -8.98
N PRO A 301 10.85 -31.99 -10.05
CA PRO A 301 12.27 -31.83 -10.38
C PRO A 301 12.95 -30.81 -9.45
N PRO A 302 14.27 -30.53 -9.57
CA PRO A 302 14.97 -29.54 -8.72
C PRO A 302 14.28 -28.19 -8.53
N LEU A 303 14.30 -27.65 -7.30
CA LEU A 303 13.66 -26.34 -6.99
C LEU A 303 14.49 -25.23 -7.63
N THR A 304 13.79 -24.19 -8.11
CA THR A 304 14.42 -22.99 -8.71
C THR A 304 13.90 -21.76 -7.95
N TYR A 305 14.73 -20.71 -7.90
CA TYR A 305 14.35 -19.39 -7.35
C TYR A 305 13.03 -18.92 -7.97
N ASP A 306 12.88 -19.05 -9.29
CA ASP A 306 11.71 -18.49 -10.04
C ASP A 306 10.44 -19.27 -9.65
N GLN A 307 10.59 -20.52 -9.21
CA GLN A 307 9.46 -21.33 -8.69
C GLN A 307 9.04 -20.80 -7.31
N LEU A 308 9.99 -20.50 -6.43
CA LEU A 308 9.69 -20.06 -5.04
C LEU A 308 8.66 -18.93 -5.07
N LYS A 309 8.82 -17.97 -5.99
CA LYS A 309 7.96 -16.75 -6.10
C LYS A 309 6.52 -17.16 -6.47
N ASP A 310 6.33 -18.37 -6.99
CA ASP A 310 5.00 -18.86 -7.43
C ASP A 310 4.43 -19.85 -6.41
N LEU A 311 5.15 -20.14 -5.31
CA LEU A 311 4.61 -20.96 -4.20
C LEU A 311 3.82 -20.06 -3.25
N ASN A 312 2.66 -19.57 -3.71
CA ASN A 312 1.97 -18.40 -3.10
C ASN A 312 1.33 -18.82 -1.78
N LEU A 313 0.85 -20.07 -1.69
CA LEU A 313 0.22 -20.61 -0.46
C LEU A 313 1.33 -20.84 0.57
N LEU A 314 2.43 -21.49 0.18
CA LEU A 314 3.55 -21.73 1.12
C LEU A 314 4.11 -20.39 1.59
N ASP A 315 4.14 -19.38 0.71
CA ASP A 315 4.59 -18.01 1.07
C ASP A 315 3.69 -17.44 2.17
N ARG A 316 2.37 -17.57 2.03
CA ARG A 316 1.38 -17.05 3.01
C ARG A 316 1.44 -17.83 4.32
N CYS A 317 1.81 -19.11 4.28
CA CYS A 317 1.98 -19.97 5.48
C CYS A 317 3.19 -19.50 6.30
N ILE A 318 4.28 -19.11 5.63
CA ILE A 318 5.50 -18.55 6.29
C ILE A 318 5.09 -17.20 6.90
N LYS A 319 4.38 -16.38 6.12
CA LYS A 319 3.90 -15.05 6.57
C LYS A 319 3.02 -15.23 7.82
N GLU A 320 2.12 -16.21 7.82
CA GLU A 320 1.19 -16.47 8.95
C GLU A 320 1.95 -17.04 10.14
N THR A 321 3.04 -17.80 9.93
CA THR A 321 3.88 -18.32 11.04
C THR A 321 4.61 -17.16 11.72
N LEU A 322 5.17 -16.25 10.92
CA LEU A 322 5.85 -15.03 11.42
C LEU A 322 4.81 -14.11 12.07
N ARG A 323 3.54 -14.20 11.68
CA ARG A 323 2.47 -13.39 12.35
C ARG A 323 2.30 -13.89 13.79
N LEU A 324 2.18 -15.21 13.98
CA LEU A 324 1.71 -15.79 15.27
C LEU A 324 2.89 -16.14 16.19
N ARG A 325 4.07 -16.42 15.63
CA ARG A 325 5.25 -16.88 16.40
C ARG A 325 6.50 -16.19 15.88
N PRO A 326 6.53 -14.84 15.80
CA PRO A 326 7.74 -14.17 15.34
C PRO A 326 8.87 -14.44 16.33
N PRO A 327 10.11 -14.69 15.85
CA PRO A 327 11.21 -15.04 16.74
C PRO A 327 11.67 -13.86 17.60
N ILE A 328 11.48 -12.63 17.13
CA ILE A 328 11.69 -11.39 17.93
C ILE A 328 10.32 -10.85 18.37
N MET A 329 10.03 -10.97 19.66
CA MET A 329 8.70 -10.62 20.24
C MET A 329 8.70 -9.17 20.72
N ILE A 330 9.87 -8.59 21.00
CA ILE A 330 9.97 -7.18 21.49
C ILE A 330 11.21 -6.54 20.86
N MET A 331 11.12 -5.25 20.54
CA MET A 331 12.29 -4.43 20.16
C MET A 331 12.35 -3.20 21.07
N MET A 332 13.58 -2.86 21.49
CA MET A 332 13.78 -1.92 22.63
C MET A 332 14.71 -0.79 22.20
N ARG A 333 14.46 0.40 22.78
CA ARG A 333 15.30 1.61 22.59
C ARG A 333 15.39 2.36 23.92
N MET A 334 16.45 3.14 24.11
CA MET A 334 16.51 4.15 25.20
C MET A 334 16.12 5.52 24.64
N ALA A 335 15.15 6.19 25.26
CA ALA A 335 14.80 7.60 24.98
C ALA A 335 15.95 8.49 25.49
N ARG A 336 16.69 9.09 24.55
CA ARG A 336 17.76 10.09 24.84
C ARG A 336 17.18 11.51 24.78
N THR A 337 16.04 11.70 24.11
CA THR A 337 15.38 13.02 23.99
C THR A 337 13.88 12.87 24.23
N PRO A 338 13.18 13.92 24.72
CA PRO A 338 11.74 13.83 24.92
C PRO A 338 11.04 13.43 23.61
N GLN A 339 10.04 12.56 23.72
CA GLN A 339 9.27 12.04 22.55
C GLN A 339 7.78 12.18 22.86
N THR A 340 6.98 12.44 21.83
CA THR A 340 5.50 12.60 21.94
C THR A 340 4.84 11.52 21.10
N VAL A 341 3.78 10.92 21.64
CA VAL A 341 2.93 9.92 20.91
C VAL A 341 1.56 9.88 21.59
N ALA A 342 0.50 9.83 20.77
CA ALA A 342 -0.88 9.66 21.23
C ALA A 342 -1.20 10.70 22.31
N GLY A 343 -0.54 11.86 22.24
CA GLY A 343 -0.78 13.01 23.14
C GLY A 343 0.05 12.94 24.42
N TYR A 344 0.94 11.96 24.54
CA TYR A 344 1.78 11.80 25.75
C TYR A 344 3.20 12.31 25.46
N THR A 345 3.92 12.67 26.52
CA THR A 345 5.35 13.02 26.44
C THR A 345 6.16 11.95 27.16
N ILE A 346 7.06 11.31 26.42
CA ILE A 346 8.02 10.29 26.95
C ILE A 346 9.32 10.99 27.30
N PRO A 347 9.72 11.03 28.59
CA PRO A 347 10.95 11.73 28.98
C PRO A 347 12.18 10.86 28.74
N PRO A 348 13.35 11.51 28.56
CA PRO A 348 14.62 10.79 28.39
C PRO A 348 14.82 9.83 29.58
N GLY A 349 15.35 8.62 29.30
CA GLY A 349 15.65 7.63 30.35
C GLY A 349 14.60 6.53 30.39
N HIS A 350 13.41 6.78 29.81
CA HIS A 350 12.41 5.71 29.54
C HIS A 350 13.01 4.71 28.55
N GLN A 351 12.84 3.42 28.80
CA GLN A 351 13.11 2.40 27.75
C GLN A 351 11.82 2.24 26.94
N VAL A 352 11.86 2.55 25.64
CA VAL A 352 10.66 2.52 24.76
C VAL A 352 10.67 1.21 23.95
N CYS A 353 9.59 0.44 24.00
CA CYS A 353 9.53 -0.90 23.37
C CYS A 353 8.32 -0.99 22.43
N VAL A 354 8.45 -1.81 21.39
CA VAL A 354 7.29 -2.30 20.60
C VAL A 354 7.33 -3.83 20.64
N SER A 355 6.18 -4.46 20.40
CA SER A 355 6.06 -5.94 20.32
C SER A 355 5.43 -6.32 18.99
N PRO A 356 6.20 -6.90 18.05
CA PRO A 356 5.59 -7.48 16.85
C PRO A 356 4.51 -8.51 17.21
N THR A 357 4.75 -9.36 18.20
CA THR A 357 3.81 -10.44 18.60
C THR A 357 2.45 -9.81 18.96
N VAL A 358 2.46 -8.75 19.78
CA VAL A 358 1.20 -8.12 20.27
C VAL A 358 0.50 -7.41 19.10
N ASN A 359 1.25 -6.63 18.30
CA ASN A 359 0.68 -5.89 17.15
C ASN A 359 0.05 -6.89 16.18
N GLN A 360 0.72 -8.04 15.99
CA GLN A 360 0.34 -9.02 14.94
C GLN A 360 -0.86 -9.87 15.38
N ARG A 361 -1.37 -9.74 16.60
CA ARG A 361 -2.62 -10.43 17.02
C ARG A 361 -3.58 -9.49 17.75
N LEU A 362 -3.33 -8.18 17.70
CA LEU A 362 -4.18 -7.15 18.36
C LEU A 362 -5.66 -7.41 18.05
N LYS A 363 -6.50 -7.52 19.07
CA LYS A 363 -7.93 -7.90 19.00
C LYS A 363 -8.69 -7.02 17.99
N ASP A 364 -8.39 -5.72 17.99
CA ASP A 364 -9.16 -4.73 17.18
C ASP A 364 -8.63 -4.60 15.74
N SER A 365 -7.59 -5.33 15.35
CA SER A 365 -7.10 -5.23 13.95
C SER A 365 -7.21 -6.59 13.24
N TRP A 366 -7.00 -7.69 13.96
CA TRP A 366 -6.92 -9.03 13.32
C TRP A 366 -8.14 -9.90 13.63
N VAL A 367 -8.85 -10.33 12.58
CA VAL A 367 -9.97 -11.30 12.70
C VAL A 367 -9.37 -12.65 13.11
N GLU A 368 -10.10 -13.47 13.87
CA GLU A 368 -9.66 -14.85 14.19
C GLU A 368 -8.19 -14.78 14.64
N ARG A 369 -7.87 -13.91 15.60
CA ARG A 369 -6.51 -13.35 15.78
C ARG A 369 -5.54 -14.46 16.18
N LEU A 370 -5.99 -15.48 16.93
CA LEU A 370 -5.12 -16.58 17.42
C LEU A 370 -5.09 -17.74 16.41
N ASP A 371 -5.86 -17.67 15.32
CA ASP A 371 -5.98 -18.79 14.36
C ASP A 371 -4.98 -18.64 13.22
N PHE A 372 -4.42 -19.78 12.79
CA PHE A 372 -3.47 -19.92 11.66
C PHE A 372 -4.29 -20.03 10.38
N ASN A 373 -4.47 -18.90 9.69
CA ASN A 373 -5.29 -18.81 8.46
C ASN A 373 -4.52 -18.06 7.37
N PRO A 374 -3.70 -18.79 6.58
CA PRO A 374 -2.89 -18.18 5.53
C PRO A 374 -3.69 -17.38 4.50
N ASP A 375 -4.99 -17.69 4.37
CA ASP A 375 -5.89 -17.04 3.38
C ASP A 375 -6.31 -15.65 3.89
N ARG A 376 -5.95 -15.26 5.11
CA ARG A 376 -6.34 -13.91 5.62
C ARG A 376 -5.72 -12.84 4.71
N TYR A 377 -4.64 -13.17 4.01
CA TYR A 377 -3.90 -12.18 3.18
C TYR A 377 -4.51 -12.06 1.77
N LEU A 378 -5.54 -12.86 1.43
CA LEU A 378 -6.19 -12.79 0.09
C LEU A 378 -7.38 -11.83 0.12
N GLN A 379 -7.67 -11.26 1.29
CA GLN A 379 -8.69 -10.17 1.42
C GLN A 379 -8.06 -9.01 2.21
N ASP A 380 -8.84 -7.95 2.45
CA ASP A 380 -8.36 -6.80 3.28
C ASP A 380 -7.78 -7.34 4.59
N ASN A 381 -6.62 -6.82 4.99
CA ASN A 381 -5.93 -7.28 6.23
C ASN A 381 -4.97 -6.19 6.67
N PRO A 382 -4.63 -6.16 7.98
CA PRO A 382 -3.78 -5.10 8.52
C PRO A 382 -2.30 -5.15 8.09
N ALA A 383 -1.85 -6.22 7.44
CA ALA A 383 -0.47 -6.31 6.90
C ALA A 383 -0.34 -5.35 5.72
N SER A 384 -1.38 -5.24 4.88
CA SER A 384 -1.44 -4.29 3.73
C SER A 384 -2.22 -3.04 4.15
N GLY A 385 -3.14 -3.18 5.10
CA GLY A 385 -4.11 -2.13 5.47
C GLY A 385 -3.52 -1.11 6.43
N GLU A 386 -2.52 -1.51 7.23
CA GLU A 386 -1.88 -0.63 8.25
C GLU A 386 -0.38 -0.61 8.00
N LYS A 387 0.32 0.33 8.63
CA LYS A 387 1.78 0.44 8.39
C LYS A 387 2.57 -0.49 9.30
N PHE A 388 2.20 -0.60 10.58
CA PHE A 388 3.08 -1.29 11.58
C PHE A 388 2.31 -2.33 12.40
N ALA A 389 1.21 -2.88 11.87
CA ALA A 389 0.47 -3.98 12.54
C ALA A 389 1.20 -5.31 12.33
N TYR A 390 1.87 -5.45 11.18
CA TYR A 390 2.66 -6.65 10.78
C TYR A 390 4.12 -6.23 10.58
N VAL A 391 4.97 -6.47 11.57
CA VAL A 391 6.38 -5.99 11.47
C VAL A 391 7.33 -7.08 11.98
N PRO A 392 7.33 -8.31 11.44
CA PRO A 392 8.21 -9.37 11.93
C PRO A 392 9.70 -9.09 11.72
N PHE A 393 10.05 -8.30 10.72
CA PHE A 393 11.46 -7.99 10.39
C PHE A 393 11.78 -6.53 10.75
N GLY A 394 10.92 -5.87 11.54
CA GLY A 394 11.03 -4.46 11.93
C GLY A 394 10.73 -3.54 10.77
N ALA A 395 11.21 -2.30 10.89
CA ALA A 395 10.98 -1.18 9.93
C ALA A 395 11.90 -0.04 10.35
N GLY A 396 12.24 0.84 9.40
CA GLY A 396 12.99 2.07 9.69
C GLY A 396 14.49 1.81 9.69
N ARG A 397 15.21 2.49 10.59
CA ARG A 397 16.69 2.60 10.50
C ARG A 397 17.35 1.32 11.02
N HIS A 398 16.67 0.53 11.87
CA HIS A 398 17.21 -0.73 12.42
C HIS A 398 16.57 -1.94 11.74
N ARG A 399 15.96 -1.76 10.56
CA ARG A 399 15.22 -2.87 9.91
C ARG A 399 16.17 -3.96 9.42
N CYS A 400 15.62 -5.16 9.26
CA CYS A 400 16.35 -6.37 8.82
C CYS A 400 16.90 -6.19 7.40
N ILE A 401 17.98 -6.91 7.09
CA ILE A 401 18.57 -7.01 5.72
C ILE A 401 18.38 -8.43 5.19
N GLY A 402 17.95 -9.37 6.03
CA GLY A 402 17.88 -10.79 5.60
C GLY A 402 16.48 -11.30 5.34
N GLU A 403 15.48 -10.45 5.17
CA GLU A 403 14.09 -10.95 4.95
C GLU A 403 14.07 -11.86 3.72
N ASN A 404 14.64 -11.41 2.59
CA ASN A 404 14.61 -12.20 1.33
C ASN A 404 15.35 -13.53 1.57
N PHE A 405 16.53 -13.48 2.19
CA PHE A 405 17.31 -14.73 2.42
C PHE A 405 16.49 -15.67 3.31
N ALA A 406 15.87 -15.15 4.37
CA ALA A 406 15.10 -15.97 5.33
C ALA A 406 13.97 -16.70 4.61
N TYR A 407 13.30 -16.01 3.68
CA TYR A 407 12.19 -16.58 2.87
C TYR A 407 12.73 -17.65 1.92
N VAL A 408 13.86 -17.38 1.26
CA VAL A 408 14.51 -18.37 0.34
C VAL A 408 14.84 -19.61 1.17
N GLN A 409 15.33 -19.41 2.40
CA GLN A 409 15.84 -20.54 3.24
C GLN A 409 14.67 -21.37 3.76
N ILE A 410 13.67 -20.74 4.40
CA ILE A 410 12.50 -21.44 4.99
C ILE A 410 11.66 -22.09 3.89
N LYS A 411 11.46 -21.41 2.75
CA LYS A 411 10.60 -21.91 1.65
C LYS A 411 11.25 -23.14 1.01
N THR A 412 12.55 -23.06 0.74
CA THR A 412 13.32 -24.20 0.15
C THR A 412 13.35 -25.36 1.13
N ILE A 413 13.59 -25.12 2.43
CA ILE A 413 13.62 -26.23 3.43
C ILE A 413 12.22 -26.85 3.51
N TRP A 414 11.15 -26.06 3.52
CA TRP A 414 9.79 -26.64 3.76
C TRP A 414 9.23 -27.21 2.46
N SER A 415 9.59 -26.62 1.31
CA SER A 415 9.30 -27.21 -0.02
C SER A 415 9.88 -28.63 -0.05
N THR A 416 11.15 -28.76 0.33
CA THR A 416 11.88 -30.05 0.38
C THR A 416 11.20 -30.98 1.39
N MET A 417 10.96 -30.51 2.62
CA MET A 417 10.46 -31.39 3.71
C MET A 417 9.06 -31.93 3.37
N LEU A 418 8.22 -31.16 2.67
CA LEU A 418 6.83 -31.55 2.36
C LEU A 418 6.83 -32.57 1.21
N ARG A 419 7.81 -32.47 0.30
CA ARG A 419 8.05 -33.48 -0.77
C ARG A 419 8.53 -34.79 -0.14
N LEU A 420 9.34 -34.71 0.92
CA LEU A 420 9.96 -35.86 1.62
C LEU A 420 8.92 -36.64 2.44
N TYR A 421 8.06 -35.92 3.15
CA TYR A 421 7.26 -36.49 4.28
C TYR A 421 5.89 -35.82 4.39
N GLU A 422 4.99 -36.55 5.06
CA GLU A 422 3.72 -36.06 5.65
C GLU A 422 3.90 -36.01 7.17
N PHE A 423 3.46 -34.92 7.80
CA PHE A 423 3.69 -34.60 9.24
C PHE A 423 2.34 -34.54 9.95
N ASP A 424 2.31 -35.07 11.19
CA ASP A 424 1.10 -35.11 12.05
C ASP A 424 1.51 -34.73 13.47
N LEU A 425 0.55 -34.22 14.25
CA LEU A 425 0.70 -34.04 15.72
C LEU A 425 0.79 -35.42 16.38
N ILE A 426 1.40 -35.46 17.56
CA ILE A 426 1.42 -36.68 18.43
C ILE A 426 0.36 -36.49 19.52
N ASP A 427 -0.72 -37.29 19.47
CA ASP A 427 -1.83 -37.24 20.45
C ASP A 427 -2.46 -35.86 20.43
N GLY A 428 -2.56 -35.25 19.23
CA GLY A 428 -3.09 -33.89 19.04
C GLY A 428 -2.48 -32.86 19.98
N TYR A 429 -1.25 -33.09 20.47
CA TYR A 429 -0.49 -32.08 21.25
C TYR A 429 0.03 -30.98 20.31
N PHE A 430 -0.36 -29.73 20.55
CA PHE A 430 0.23 -28.54 19.88
C PHE A 430 1.23 -27.89 20.83
N PRO A 431 2.52 -27.75 20.45
CA PRO A 431 3.52 -27.16 21.33
C PRO A 431 3.11 -25.80 21.92
N THR A 432 3.24 -25.68 23.24
CA THR A 432 3.05 -24.42 23.99
C THR A 432 4.34 -23.60 23.84
N VAL A 433 4.31 -22.34 24.27
CA VAL A 433 5.48 -21.41 24.11
C VAL A 433 6.40 -21.51 25.32
N ASN A 434 7.70 -21.67 25.06
CA ASN A 434 8.80 -21.56 26.05
C ASN A 434 9.23 -20.09 26.12
N TYR A 435 9.08 -19.45 27.29
CA TYR A 435 9.43 -18.02 27.50
C TYR A 435 10.80 -17.91 28.17
N THR A 436 11.53 -19.03 28.28
CA THR A 436 12.88 -19.06 28.89
C THR A 436 13.72 -17.95 28.27
N THR A 437 13.75 -17.91 26.94
CA THR A 437 14.48 -16.87 26.18
C THR A 437 13.46 -15.96 25.48
N MET A 438 13.94 -14.85 24.92
CA MET A 438 13.08 -13.83 24.28
C MET A 438 12.95 -14.17 22.79
N ILE A 439 13.62 -15.25 22.36
CA ILE A 439 13.28 -15.99 21.12
C ILE A 439 12.45 -17.21 21.52
N HIS A 440 11.13 -17.10 21.36
CA HIS A 440 10.11 -18.04 21.91
C HIS A 440 10.16 -19.36 21.12
N THR A 441 10.38 -20.48 21.80
CA THR A 441 10.60 -21.80 21.16
C THR A 441 9.46 -22.74 21.52
N PRO A 442 9.13 -23.70 20.62
CA PRO A 442 8.06 -24.67 20.90
C PRO A 442 8.50 -25.70 21.96
N GLU A 443 7.71 -25.85 23.02
CA GLU A 443 7.96 -26.86 24.09
C GLU A 443 7.61 -28.24 23.54
N ASN A 444 8.44 -29.25 23.84
CA ASN A 444 8.24 -30.67 23.43
C ASN A 444 7.99 -30.74 21.92
N PRO A 445 8.91 -30.23 21.08
CA PRO A 445 8.65 -30.12 19.65
C PRO A 445 8.94 -31.43 18.90
N VAL A 446 8.38 -32.54 19.39
CA VAL A 446 8.53 -33.88 18.73
C VAL A 446 7.40 -34.02 17.70
N ILE A 447 7.75 -34.26 16.43
CA ILE A 447 6.77 -34.34 15.30
C ILE A 447 6.67 -35.79 14.82
N ARG A 448 5.49 -36.20 14.34
CA ARG A 448 5.31 -37.51 13.67
C ARG A 448 5.36 -37.29 12.15
N TYR A 449 6.16 -38.11 11.46
CA TYR A 449 6.35 -38.06 9.98
C TYR A 449 6.28 -39.48 9.41
N LYS A 450 5.96 -39.56 8.12
CA LYS A 450 5.92 -40.81 7.31
C LYS A 450 6.25 -40.40 5.88
N ARG A 451 6.77 -41.30 5.05
CA ARG A 451 7.19 -40.94 3.67
C ARG A 451 5.98 -40.43 2.88
N ARG A 452 6.16 -39.34 2.14
CA ARG A 452 5.12 -38.66 1.32
C ARG A 452 4.68 -39.57 0.16
N SER A 453 3.37 -39.74 -0.02
CA SER A 453 2.73 -40.27 -1.26
C SER A 453 3.46 -41.52 -1.74
N GLY B 9 -33.37 -12.36 -30.22
CA GLY B 9 -34.83 -12.07 -30.42
C GLY B 9 -35.05 -10.82 -31.25
N LYS B 10 -35.68 -9.79 -30.68
CA LYS B 10 -36.07 -8.56 -31.41
C LYS B 10 -35.05 -7.43 -31.17
N LEU B 11 -34.40 -6.95 -32.24
CA LEU B 11 -33.34 -5.91 -32.16
C LEU B 11 -33.99 -4.56 -31.91
N PRO B 12 -33.36 -3.66 -31.12
CA PRO B 12 -33.90 -2.30 -30.95
C PRO B 12 -34.13 -1.65 -32.31
N PRO B 13 -34.98 -0.61 -32.41
CA PRO B 13 -35.12 0.16 -33.64
C PRO B 13 -33.77 0.78 -34.07
N TYR B 14 -33.51 0.79 -35.38
CA TYR B 14 -32.22 1.25 -35.95
C TYR B 14 -32.44 2.57 -36.69
N ILE B 15 -31.62 3.58 -36.41
CA ILE B 15 -31.73 4.94 -37.02
C ILE B 15 -31.04 4.90 -38.39
N PHE B 16 -31.83 4.93 -39.46
CA PHE B 16 -31.33 4.91 -40.85
C PHE B 16 -30.31 6.05 -41.03
N SER B 17 -29.16 5.75 -41.62
CA SER B 17 -28.27 6.78 -42.21
C SER B 17 -28.17 6.56 -43.72
N PRO B 18 -28.21 7.62 -44.54
CA PRO B 18 -27.98 7.49 -45.97
C PRO B 18 -26.52 7.19 -46.31
N ILE B 19 -25.62 7.38 -45.33
CA ILE B 19 -24.14 7.26 -45.53
C ILE B 19 -23.65 5.92 -45.00
N PRO B 20 -23.24 4.99 -45.89
CA PRO B 20 -22.64 3.72 -45.47
C PRO B 20 -21.32 3.91 -44.73
N PHE B 21 -21.09 3.04 -43.74
CA PHE B 21 -19.90 2.95 -42.86
C PHE B 21 -19.86 4.14 -41.88
N LEU B 22 -19.82 5.37 -42.39
CA LEU B 22 -19.75 6.61 -41.58
C LEU B 22 -20.97 6.66 -40.63
N GLY B 23 -22.15 6.34 -41.15
CA GLY B 23 -23.40 6.43 -40.35
C GLY B 23 -23.59 7.84 -39.82
N HIS B 24 -23.84 7.97 -38.51
CA HIS B 24 -24.14 9.27 -37.86
C HIS B 24 -22.90 9.77 -37.11
N ALA B 25 -21.70 9.34 -37.51
CA ALA B 25 -20.45 9.70 -36.81
C ALA B 25 -20.31 11.23 -36.75
N ILE B 26 -20.70 11.97 -37.80
CA ILE B 26 -20.48 13.44 -37.83
C ILE B 26 -21.54 14.15 -36.97
N ALA B 27 -22.82 13.88 -37.19
CA ALA B 27 -23.93 14.56 -36.49
C ALA B 27 -23.82 14.28 -34.98
N PHE B 28 -23.46 13.06 -34.59
CA PHE B 28 -23.36 12.68 -33.15
C PHE B 28 -22.19 13.45 -32.52
N GLY B 29 -21.00 13.34 -33.14
CA GLY B 29 -19.78 14.00 -32.64
C GLY B 29 -19.98 15.49 -32.47
N LYS B 30 -20.75 16.11 -33.36
CA LYS B 30 -20.87 17.59 -33.41
C LYS B 30 -21.83 18.07 -32.33
N SER B 31 -22.93 17.35 -32.11
CA SER B 31 -24.00 17.74 -31.15
C SER B 31 -24.62 16.50 -30.52
N PRO B 32 -23.90 15.79 -29.63
CA PRO B 32 -24.35 14.49 -29.13
C PRO B 32 -25.62 14.54 -28.26
N ILE B 33 -25.80 15.61 -27.49
CA ILE B 33 -26.96 15.74 -26.56
C ILE B 33 -28.23 15.99 -27.38
N GLU B 34 -28.17 16.95 -28.31
CA GLU B 34 -29.28 17.27 -29.24
C GLU B 34 -29.60 16.01 -30.07
N PHE B 35 -28.58 15.28 -30.54
CA PHE B 35 -28.75 14.04 -31.33
C PHE B 35 -29.53 13.00 -30.51
N LEU B 36 -29.14 12.77 -29.25
CA LEU B 36 -29.76 11.70 -28.41
C LEU B 36 -31.16 12.14 -27.97
N GLU B 37 -31.39 13.43 -27.72
CA GLU B 37 -32.73 13.94 -27.31
C GLU B 37 -33.71 13.81 -28.47
N ASN B 38 -33.27 14.08 -29.70
CA ASN B 38 -34.11 13.96 -30.93
C ASN B 38 -34.42 12.48 -31.16
N ALA B 39 -33.43 11.60 -30.98
CA ALA B 39 -33.62 10.13 -31.15
C ALA B 39 -34.60 9.62 -30.09
N TYR B 40 -34.50 10.12 -28.86
CA TYR B 40 -35.40 9.72 -27.74
C TYR B 40 -36.85 9.99 -28.15
N GLU B 41 -37.11 11.17 -28.72
CA GLU B 41 -38.47 11.63 -29.13
C GLU B 41 -38.96 10.76 -30.29
N LYS B 42 -38.09 10.40 -31.23
CA LYS B 42 -38.53 9.65 -32.44
C LYS B 42 -38.54 8.14 -32.21
N TYR B 43 -37.62 7.57 -31.43
CA TYR B 43 -37.43 6.10 -31.38
C TYR B 43 -37.65 5.53 -29.99
N GLY B 44 -37.75 6.37 -28.96
CA GLY B 44 -37.98 5.92 -27.57
C GLY B 44 -36.66 5.69 -26.83
N PRO B 45 -36.67 4.94 -25.70
CA PRO B 45 -35.52 4.91 -24.79
C PRO B 45 -34.37 3.99 -25.19
N VAL B 46 -34.62 3.08 -26.15
CA VAL B 46 -33.60 2.10 -26.59
C VAL B 46 -33.57 2.11 -28.13
N PHE B 47 -32.41 2.44 -28.70
CA PHE B 47 -32.26 2.56 -30.18
C PHE B 47 -30.79 2.35 -30.56
N SER B 48 -30.58 1.95 -31.81
CA SER B 48 -29.26 1.54 -32.36
C SER B 48 -28.97 2.43 -33.58
N PHE B 49 -27.68 2.75 -33.78
CA PHE B 49 -27.23 3.46 -35.00
C PHE B 49 -25.77 3.10 -35.26
N THR B 50 -25.33 3.34 -36.50
CA THR B 50 -23.93 3.08 -36.94
C THR B 50 -23.09 4.33 -36.73
N MET B 51 -21.85 4.14 -36.25
CA MET B 51 -20.77 5.14 -36.48
C MET B 51 -19.50 4.39 -36.88
N VAL B 52 -18.88 4.83 -37.98
CA VAL B 52 -17.54 4.35 -38.46
C VAL B 52 -17.55 2.82 -38.46
N GLY B 53 -18.59 2.21 -39.03
CA GLY B 53 -18.63 0.76 -39.31
C GLY B 53 -19.02 -0.07 -38.10
N LYS B 54 -19.49 0.55 -37.01
CA LYS B 54 -19.84 -0.18 -35.76
C LYS B 54 -21.22 0.23 -35.27
N THR B 55 -21.89 -0.68 -34.56
CA THR B 55 -23.26 -0.46 -34.04
C THR B 55 -23.18 -0.01 -32.57
N PHE B 56 -23.85 1.10 -32.29
CA PHE B 56 -24.03 1.68 -30.93
C PHE B 56 -25.51 1.54 -30.56
N THR B 57 -25.77 1.02 -29.37
CA THR B 57 -27.14 0.97 -28.79
C THR B 57 -27.17 1.83 -27.53
N TYR B 58 -28.05 2.83 -27.50
CA TYR B 58 -28.19 3.77 -26.36
C TYR B 58 -29.40 3.41 -25.50
N LEU B 59 -29.20 3.53 -24.19
CA LEU B 59 -30.21 3.29 -23.13
C LEU B 59 -30.48 4.63 -22.45
N LEU B 60 -31.61 5.26 -22.76
CA LEU B 60 -31.96 6.56 -22.13
C LEU B 60 -33.05 6.34 -21.08
N GLY B 61 -33.00 7.19 -20.05
CA GLY B 61 -33.93 7.16 -18.91
C GLY B 61 -33.47 6.12 -17.90
N SER B 62 -34.02 6.19 -16.69
CA SER B 62 -33.63 5.31 -15.55
C SER B 62 -33.82 3.84 -15.93
N ASP B 63 -35.00 3.45 -16.43
CA ASP B 63 -35.37 2.02 -16.56
C ASP B 63 -34.43 1.34 -17.55
N ALA B 64 -34.15 1.96 -18.70
CA ALA B 64 -33.26 1.37 -19.73
C ALA B 64 -31.80 1.42 -19.24
N ALA B 65 -31.37 2.53 -18.63
CA ALA B 65 -29.96 2.70 -18.21
C ALA B 65 -29.60 1.65 -17.16
N ALA B 66 -30.60 1.08 -16.47
CA ALA B 66 -30.39 0.09 -15.37
C ALA B 66 -29.64 -1.13 -15.91
N LEU B 67 -29.87 -1.50 -17.17
CA LEU B 67 -29.18 -2.66 -17.81
C LEU B 67 -27.67 -2.45 -17.71
N LEU B 68 -27.17 -1.27 -18.08
CA LEU B 68 -25.71 -1.01 -18.05
C LEU B 68 -25.25 -0.90 -16.60
N PHE B 69 -25.98 -0.19 -15.73
CA PHE B 69 -25.50 0.05 -14.35
C PHE B 69 -25.59 -1.24 -13.53
N ASN B 70 -26.48 -2.18 -13.88
CA ASN B 70 -26.69 -3.43 -13.08
C ASN B 70 -25.78 -4.56 -13.60
N SER B 71 -25.01 -4.31 -14.66
CA SER B 71 -24.32 -5.38 -15.44
C SER B 71 -22.96 -5.74 -14.85
N LYS B 72 -22.59 -7.02 -14.96
CA LYS B 72 -21.21 -7.52 -14.71
C LYS B 72 -20.32 -7.13 -15.89
N ASN B 73 -19.03 -6.95 -15.61
CA ASN B 73 -18.01 -6.59 -16.64
C ASN B 73 -17.88 -7.72 -17.67
N GLU B 74 -18.12 -8.98 -17.26
CA GLU B 74 -18.02 -10.13 -18.19
C GLU B 74 -19.11 -10.01 -19.27
N ASP B 75 -20.25 -9.41 -18.94
CA ASP B 75 -21.40 -9.27 -19.87
C ASP B 75 -21.30 -7.95 -20.66
N LEU B 76 -21.32 -6.81 -19.96
CA LEU B 76 -21.09 -5.47 -20.56
C LEU B 76 -19.73 -4.94 -20.11
N ASN B 77 -18.77 -5.01 -21.02
CA ASN B 77 -17.31 -4.92 -20.74
C ASN B 77 -16.83 -3.48 -20.98
N ALA B 78 -16.19 -2.86 -19.97
CA ALA B 78 -15.73 -1.46 -20.07
C ALA B 78 -14.41 -1.40 -20.86
N GLU B 79 -13.44 -2.26 -20.52
CA GLU B 79 -12.05 -2.10 -21.01
C GLU B 79 -11.99 -2.35 -22.52
N ASP B 80 -12.90 -3.16 -23.07
CA ASP B 80 -13.02 -3.38 -24.54
C ASP B 80 -13.14 -2.00 -25.23
N VAL B 81 -13.89 -1.08 -24.62
CA VAL B 81 -14.14 0.27 -25.24
C VAL B 81 -13.07 1.26 -24.75
N TYR B 82 -12.77 1.29 -23.45
CA TYR B 82 -12.03 2.43 -22.84
C TYR B 82 -10.53 2.34 -23.12
N SER B 83 -9.99 1.14 -23.32
CA SER B 83 -8.52 0.95 -23.49
C SER B 83 -7.98 1.93 -24.54
N ARG B 84 -8.59 1.98 -25.73
CA ARG B 84 -8.12 2.87 -26.82
C ARG B 84 -8.13 4.32 -26.34
N LEU B 85 -8.99 4.68 -25.39
CA LEU B 85 -9.09 6.07 -24.89
C LEU B 85 -8.07 6.36 -23.78
N THR B 86 -7.99 5.49 -22.76
CA THR B 86 -7.25 5.77 -21.50
C THR B 86 -5.81 5.25 -21.57
N THR B 87 -5.54 4.17 -22.33
CA THR B 87 -4.22 3.48 -22.31
C THR B 87 -3.15 4.45 -22.82
N PRO B 88 -3.39 5.22 -23.90
CA PRO B 88 -2.41 6.24 -24.31
C PRO B 88 -2.27 7.36 -23.25
N VAL B 89 -3.22 7.52 -22.33
CA VAL B 89 -3.20 8.65 -21.37
C VAL B 89 -2.44 8.27 -20.09
N PHE B 90 -2.79 7.12 -19.48
CA PHE B 90 -2.19 6.67 -18.20
C PHE B 90 -0.92 5.86 -18.47
N GLY B 91 -0.92 5.04 -19.52
CA GLY B 91 0.19 4.11 -19.83
C GLY B 91 -0.26 2.65 -19.74
N LYS B 92 0.64 1.73 -20.12
CA LYS B 92 0.36 0.27 -20.14
C LYS B 92 0.31 -0.25 -18.70
N GLY B 93 -0.54 -1.25 -18.44
CA GLY B 93 -0.51 -2.03 -17.18
C GLY B 93 -1.45 -1.50 -16.12
N VAL B 94 -2.16 -0.39 -16.37
CA VAL B 94 -3.09 0.16 -15.34
C VAL B 94 -4.47 0.41 -15.98
N ALA B 95 -5.49 0.49 -15.14
CA ALA B 95 -6.89 0.85 -15.51
C ALA B 95 -7.40 -0.15 -16.56
N TYR B 96 -7.66 0.32 -17.79
CA TYR B 96 -8.41 -0.48 -18.79
C TYR B 96 -7.42 -1.18 -19.74
N ASP B 97 -6.13 -1.15 -19.40
CA ASP B 97 -5.11 -1.93 -20.17
C ASP B 97 -4.89 -3.31 -19.51
N VAL B 98 -5.58 -3.61 -18.41
CA VAL B 98 -5.46 -4.93 -17.70
C VAL B 98 -6.86 -5.54 -17.53
N PRO B 99 -6.96 -6.85 -17.19
CA PRO B 99 -8.25 -7.45 -16.83
C PRO B 99 -8.86 -6.74 -15.61
N ASN B 100 -10.20 -6.77 -15.54
CA ASN B 100 -10.97 -6.05 -14.49
C ASN B 100 -10.50 -6.47 -13.09
N PRO B 101 -10.31 -7.78 -12.79
CA PRO B 101 -9.91 -8.20 -11.45
C PRO B 101 -8.60 -7.53 -11.01
N VAL B 102 -7.66 -7.37 -11.94
CA VAL B 102 -6.39 -6.63 -11.70
C VAL B 102 -6.71 -5.17 -11.38
N PHE B 103 -7.56 -4.53 -12.20
CA PHE B 103 -7.95 -3.11 -12.04
C PHE B 103 -8.69 -2.92 -10.70
N LEU B 104 -9.48 -3.90 -10.24
CA LEU B 104 -10.16 -3.80 -8.93
C LEU B 104 -9.11 -3.72 -7.81
N GLU B 105 -7.96 -4.40 -7.97
CA GLU B 105 -6.83 -4.29 -6.99
C GLU B 105 -6.27 -2.87 -7.02
N GLN B 106 -6.07 -2.27 -8.19
CA GLN B 106 -5.49 -0.90 -8.31
C GLN B 106 -6.46 0.12 -7.71
N LYS B 107 -7.75 -0.07 -8.01
CA LYS B 107 -8.84 0.82 -7.52
C LYS B 107 -8.86 0.79 -5.98
N LYS B 108 -8.70 -0.40 -5.39
CA LYS B 108 -8.72 -0.53 -3.90
C LYS B 108 -7.52 0.22 -3.33
N MET B 109 -6.36 0.18 -4.01
CA MET B 109 -5.14 0.87 -3.50
C MET B 109 -5.39 2.38 -3.54
N LEU B 110 -6.04 2.88 -4.59
CA LEU B 110 -6.27 4.34 -4.78
C LEU B 110 -7.35 4.85 -3.81
N LYS B 111 -8.12 3.94 -3.21
CA LYS B 111 -9.16 4.29 -2.19
C LYS B 111 -8.53 4.46 -0.80
N SER B 112 -7.30 3.95 -0.60
CA SER B 112 -6.53 4.23 0.64
C SER B 112 -6.20 5.73 0.64
N GLY B 113 -6.70 6.45 1.65
CA GLY B 113 -6.57 7.91 1.71
C GLY B 113 -7.88 8.61 1.40
N LEU B 114 -8.86 7.90 0.84
CA LEU B 114 -10.20 8.53 0.60
C LEU B 114 -11.11 8.23 1.79
N ASN B 115 -10.90 8.95 2.90
CA ASN B 115 -11.72 8.74 4.13
C ASN B 115 -11.80 10.07 4.90
N ILE B 116 -12.76 10.15 5.82
CA ILE B 116 -13.04 11.38 6.62
C ILE B 116 -11.76 11.85 7.32
N ALA B 117 -10.98 10.94 7.89
CA ALA B 117 -9.71 11.27 8.57
C ALA B 117 -8.88 12.14 7.62
N HIS B 118 -8.72 11.68 6.37
CA HIS B 118 -7.94 12.41 5.33
C HIS B 118 -8.70 13.65 4.86
N PHE B 119 -10.02 13.56 4.63
CA PHE B 119 -10.83 14.71 4.12
C PHE B 119 -10.75 15.86 5.13
N LYS B 120 -10.68 15.55 6.43
CA LYS B 120 -10.62 16.58 7.51
C LYS B 120 -9.34 17.40 7.35
N GLN B 121 -8.22 16.75 6.99
CA GLN B 121 -6.92 17.42 6.77
C GLN B 121 -6.97 18.17 5.43
N HIS B 122 -7.74 17.65 4.46
CA HIS B 122 -7.80 18.21 3.08
C HIS B 122 -8.34 19.64 3.10
N VAL B 123 -9.37 19.91 3.91
CA VAL B 123 -10.13 21.19 3.86
C VAL B 123 -9.14 22.35 3.99
N SER B 124 -8.28 22.35 5.01
CA SER B 124 -7.38 23.49 5.30
C SER B 124 -6.36 23.61 4.16
N ILE B 125 -5.87 22.48 3.65
CA ILE B 125 -4.88 22.46 2.52
C ILE B 125 -5.49 23.15 1.31
N ILE B 126 -6.74 22.85 0.96
CA ILE B 126 -7.38 23.38 -0.28
C ILE B 126 -7.69 24.88 -0.09
N GLU B 127 -8.22 25.26 1.07
CA GLU B 127 -8.44 26.68 1.48
C GLU B 127 -7.15 27.49 1.24
N LYS B 128 -6.02 26.98 1.73
CA LYS B 128 -4.69 27.64 1.65
C LYS B 128 -4.28 27.81 0.18
N GLU B 129 -4.28 26.71 -0.57
CA GLU B 129 -3.94 26.69 -2.02
C GLU B 129 -4.82 27.71 -2.76
N THR B 130 -6.12 27.75 -2.44
CA THR B 130 -7.11 28.61 -3.15
C THR B 130 -6.83 30.07 -2.80
N LYS B 131 -6.76 30.41 -1.50
CA LYS B 131 -6.52 31.80 -1.04
C LYS B 131 -5.17 32.29 -1.60
N GLU B 132 -4.13 31.44 -1.58
CA GLU B 132 -2.79 31.73 -2.15
C GLU B 132 -2.91 31.99 -3.66
N TYR B 133 -3.48 31.05 -4.43
CA TYR B 133 -3.54 31.13 -5.91
C TYR B 133 -4.21 32.45 -6.34
N PHE B 134 -5.30 32.84 -5.68
CA PHE B 134 -6.19 33.95 -6.12
C PHE B 134 -5.67 35.31 -5.62
N GLU B 135 -4.51 35.33 -4.96
CA GLU B 135 -3.80 36.60 -4.63
C GLU B 135 -3.24 37.21 -5.92
N SER B 136 -3.11 36.42 -6.99
CA SER B 136 -2.63 36.88 -8.32
C SER B 136 -3.77 37.57 -9.09
N TRP B 137 -4.99 37.55 -8.55
CA TRP B 137 -6.21 38.02 -9.26
C TRP B 137 -6.52 39.47 -8.88
N GLY B 138 -5.91 39.97 -7.79
CA GLY B 138 -6.02 41.38 -7.37
C GLY B 138 -7.40 41.68 -6.80
N GLU B 139 -7.85 42.94 -6.94
CA GLU B 139 -9.05 43.44 -6.22
C GLU B 139 -10.27 43.32 -7.14
N SER B 140 -10.06 43.33 -8.45
CA SER B 140 -11.11 43.30 -9.50
C SER B 140 -10.49 42.93 -10.85
N GLY B 141 -11.30 42.51 -11.83
CA GLY B 141 -10.81 42.15 -13.17
C GLY B 141 -11.73 41.22 -13.95
N GLU B 142 -11.23 40.78 -15.12
CA GLU B 142 -11.94 39.92 -16.10
C GLU B 142 -10.95 38.84 -16.57
N LYS B 143 -11.00 37.64 -15.97
CA LYS B 143 -9.97 36.62 -16.22
C LYS B 143 -10.62 35.28 -16.61
N ASN B 144 -9.80 34.37 -17.15
CA ASN B 144 -10.29 33.04 -17.59
C ASN B 144 -10.41 32.13 -16.36
N VAL B 145 -11.63 31.95 -15.85
CA VAL B 145 -11.86 31.16 -14.60
C VAL B 145 -11.57 29.67 -14.84
N PHE B 146 -11.75 29.18 -16.06
CA PHE B 146 -11.51 27.74 -16.38
C PHE B 146 -10.01 27.45 -16.34
N GLU B 147 -9.19 28.34 -16.92
CA GLU B 147 -7.71 28.22 -16.87
C GLU B 147 -7.23 28.34 -15.41
N ALA B 148 -7.80 29.27 -14.64
CA ALA B 148 -7.45 29.44 -13.21
C ALA B 148 -7.80 28.16 -12.43
N LEU B 149 -9.02 27.64 -12.61
CA LEU B 149 -9.47 26.46 -11.81
C LEU B 149 -8.66 25.23 -12.24
N SER B 150 -8.34 25.10 -13.54
CA SER B 150 -7.50 24.00 -14.07
C SER B 150 -6.14 24.01 -13.36
N GLU B 151 -5.49 25.18 -13.28
CA GLU B 151 -4.17 25.34 -12.63
C GLU B 151 -4.28 25.05 -11.13
N LEU B 152 -5.27 25.66 -10.48
CA LEU B 152 -5.49 25.55 -9.01
C LEU B 152 -5.72 24.09 -8.63
N ILE B 153 -6.53 23.34 -9.40
CA ILE B 153 -6.96 21.97 -9.02
C ILE B 153 -5.78 21.01 -9.20
N ILE B 154 -4.87 21.26 -10.15
CA ILE B 154 -3.62 20.46 -10.21
C ILE B 154 -2.96 20.56 -8.82
N LEU B 155 -2.99 21.74 -8.20
CA LEU B 155 -2.31 22.00 -6.91
C LEU B 155 -3.10 21.36 -5.78
N THR B 156 -4.43 21.47 -5.78
CA THR B 156 -5.25 20.97 -4.64
C THR B 156 -5.41 19.45 -4.73
N ALA B 157 -5.56 18.90 -5.94
CA ALA B 157 -5.73 17.44 -6.13
C ALA B 157 -4.41 16.76 -5.74
N SER B 158 -3.27 17.23 -6.25
CA SER B 158 -1.94 16.62 -6.00
C SER B 158 -1.57 16.75 -4.51
N HIS B 159 -1.77 17.93 -3.92
CA HIS B 159 -1.47 18.15 -2.48
C HIS B 159 -2.27 17.15 -1.63
N CYS B 160 -3.56 17.01 -1.91
CA CYS B 160 -4.49 16.19 -1.10
C CYS B 160 -4.29 14.70 -1.42
N LEU B 161 -4.36 14.32 -2.69
CA LEU B 161 -4.36 12.88 -3.05
C LEU B 161 -2.94 12.33 -3.09
N HIS B 162 -1.97 13.10 -3.59
CA HIS B 162 -0.59 12.60 -3.86
C HIS B 162 0.33 12.87 -2.67
N GLY B 163 0.08 13.95 -1.91
CA GLY B 163 0.93 14.35 -0.77
C GLY B 163 1.84 15.52 -1.10
N LYS B 164 2.42 16.15 -0.07
CA LYS B 164 3.19 17.41 -0.20
C LYS B 164 4.45 17.17 -1.04
N GLU B 165 5.07 15.99 -0.93
CA GLU B 165 6.34 15.72 -1.66
C GLU B 165 6.08 15.84 -3.16
N ILE B 166 5.08 15.12 -3.69
CA ILE B 166 4.75 15.16 -5.15
C ILE B 166 4.28 16.57 -5.51
N ARG B 167 3.44 17.17 -4.64
CA ARG B 167 2.89 18.53 -4.84
C ARG B 167 4.04 19.53 -5.05
N SER B 168 5.13 19.40 -4.29
CA SER B 168 6.30 20.30 -4.36
C SER B 168 6.96 20.18 -5.74
N GLN B 169 6.75 19.08 -6.46
CA GLN B 169 7.39 18.86 -7.79
C GLN B 169 6.50 19.37 -8.93
N LEU B 170 5.26 19.79 -8.62
CA LEU B 170 4.30 20.28 -9.64
C LEU B 170 4.09 21.79 -9.52
N ASN B 171 3.69 22.43 -10.63
CA ASN B 171 3.35 23.87 -10.73
C ASN B 171 2.17 24.01 -11.69
N GLU B 172 1.69 25.23 -11.94
CA GLU B 172 0.47 25.49 -12.75
C GLU B 172 0.67 25.03 -14.20
N LYS B 173 1.93 24.96 -14.66
CA LYS B 173 2.31 24.57 -16.05
C LYS B 173 1.73 23.18 -16.35
N VAL B 174 1.72 22.31 -15.34
CA VAL B 174 1.23 20.90 -15.44
C VAL B 174 -0.22 20.89 -15.93
N ALA B 175 -0.97 21.97 -15.68
CA ALA B 175 -2.37 22.15 -16.15
C ALA B 175 -2.44 22.01 -17.67
N GLN B 176 -1.48 22.57 -18.41
CA GLN B 176 -1.49 22.44 -19.90
C GLN B 176 -1.19 21.00 -20.31
N LEU B 177 -0.28 20.31 -19.61
CA LEU B 177 -0.03 18.86 -19.87
C LEU B 177 -1.36 18.11 -19.70
N TYR B 178 -2.11 18.41 -18.63
CA TYR B 178 -3.35 17.67 -18.27
C TYR B 178 -4.46 18.04 -19.26
N ALA B 179 -4.42 19.24 -19.83
CA ALA B 179 -5.41 19.65 -20.86
C ALA B 179 -5.08 18.88 -22.15
N ASP B 180 -3.81 18.60 -22.42
CA ASP B 180 -3.43 17.85 -23.63
C ASP B 180 -3.71 16.36 -23.40
N LEU B 181 -3.60 15.87 -22.17
CA LEU B 181 -3.97 14.46 -21.84
C LEU B 181 -5.48 14.31 -22.04
N ALA B 182 -6.26 15.26 -21.52
CA ALA B 182 -7.73 15.28 -21.57
C ALA B 182 -8.21 15.42 -23.02
N GLY B 183 -7.43 16.07 -23.88
CA GLY B 183 -7.72 16.21 -25.32
C GLY B 183 -7.69 14.86 -26.02
N GLY B 184 -7.13 13.86 -25.34
CA GLY B 184 -7.13 12.45 -25.79
C GLY B 184 -8.53 11.85 -25.71
N PHE B 185 -9.41 12.41 -24.88
CA PHE B 185 -10.80 11.92 -24.68
C PHE B 185 -11.73 12.58 -25.71
N SER B 186 -11.67 12.06 -26.94
CA SER B 186 -12.33 12.71 -28.10
C SER B 186 -13.06 11.65 -28.92
N HIS B 187 -14.04 12.13 -29.70
CA HIS B 187 -14.80 11.33 -30.67
C HIS B 187 -13.78 10.60 -31.56
N ALA B 188 -12.72 11.30 -31.96
CA ALA B 188 -11.65 10.73 -32.82
C ALA B 188 -10.95 9.55 -32.13
N ALA B 189 -10.52 9.72 -30.88
CA ALA B 189 -9.80 8.65 -30.15
C ALA B 189 -10.76 7.47 -29.94
N TRP B 190 -12.01 7.78 -29.68
CA TRP B 190 -13.06 6.74 -29.44
C TRP B 190 -13.30 5.92 -30.70
N LEU B 191 -13.25 6.53 -31.89
CA LEU B 191 -13.70 5.80 -33.12
C LEU B 191 -12.60 5.51 -34.14
N LEU B 192 -11.37 6.03 -34.01
CA LEU B 192 -10.40 5.74 -35.10
C LEU B 192 -9.13 5.02 -34.60
N PRO B 193 -8.21 4.62 -35.51
CA PRO B 193 -6.94 3.98 -35.16
C PRO B 193 -6.15 5.06 -34.40
N GLY B 194 -5.40 4.72 -33.36
CA GLY B 194 -4.90 5.87 -32.59
C GLY B 194 -3.61 6.39 -33.18
N TRP B 195 -3.66 7.02 -34.36
CA TRP B 195 -2.36 7.48 -34.91
C TRP B 195 -2.08 8.97 -35.07
N LEU B 196 -2.39 9.42 -36.28
CA LEU B 196 -1.89 10.65 -36.94
C LEU B 196 -2.19 12.05 -36.40
N PRO B 197 -3.38 12.62 -35.67
CA PRO B 197 -3.78 14.00 -35.38
C PRO B 197 -3.15 15.04 -34.43
N LEU B 198 -2.76 14.71 -33.19
CA LEU B 198 -2.45 15.72 -32.11
C LEU B 198 -1.52 15.20 -31.02
N PRO B 199 -1.16 16.10 -29.93
CA PRO B 199 -0.20 16.13 -28.52
C PRO B 199 -0.55 15.33 -27.25
N SER B 200 -1.56 14.46 -27.23
CA SER B 200 -1.78 13.69 -25.97
C SER B 200 -0.51 12.88 -25.68
N PHE B 201 0.12 12.37 -26.74
CA PHE B 201 1.31 11.47 -26.66
C PHE B 201 2.48 12.22 -26.01
N ARG B 202 2.71 13.47 -26.40
CA ARG B 202 3.87 14.26 -25.89
C ARG B 202 3.67 14.51 -24.40
N ARG B 203 2.45 14.87 -24.00
CA ARG B 203 2.17 15.20 -22.57
C ARG B 203 2.23 13.91 -21.73
N ARG B 204 1.81 12.75 -22.23
CA ARG B 204 1.93 11.49 -21.45
C ARG B 204 3.41 11.27 -21.13
N ASP B 205 4.27 11.34 -22.14
CA ASP B 205 5.74 11.14 -22.00
C ASP B 205 6.27 12.11 -20.96
N ARG B 206 5.83 13.36 -21.00
CA ARG B 206 6.29 14.43 -20.07
C ARG B 206 5.88 14.15 -18.63
N ALA B 207 4.62 13.78 -18.38
CA ALA B 207 4.09 13.59 -17.00
C ALA B 207 4.70 12.32 -16.41
N HIS B 208 4.90 11.29 -17.23
CA HIS B 208 5.53 9.99 -16.84
C HIS B 208 6.93 10.27 -16.29
N ARG B 209 7.73 11.04 -17.03
CA ARG B 209 9.12 11.41 -16.63
C ARG B 209 9.09 12.13 -15.29
N GLU B 210 8.16 13.07 -15.07
CA GLU B 210 8.05 13.76 -13.75
C GLU B 210 7.78 12.74 -12.64
N ILE B 211 6.82 11.83 -12.84
CA ILE B 211 6.42 10.88 -11.76
C ILE B 211 7.53 9.84 -11.57
N LYS B 212 8.26 9.48 -12.63
CA LYS B 212 9.46 8.60 -12.55
C LYS B 212 10.54 9.29 -11.70
N ASP B 213 10.75 10.60 -11.91
CA ASP B 213 11.74 11.41 -11.16
C ASP B 213 11.37 11.40 -9.67
N ILE B 214 10.08 11.50 -9.33
CA ILE B 214 9.66 11.64 -7.89
C ILE B 214 9.85 10.30 -7.17
N PHE B 215 9.69 9.14 -7.81
CA PHE B 215 9.84 7.91 -6.97
C PHE B 215 11.22 7.28 -7.15
N TYR B 216 11.96 7.52 -8.23
CA TYR B 216 13.37 7.06 -8.28
C TYR B 216 14.19 7.98 -7.35
N LYS B 217 13.71 9.21 -7.14
CA LYS B 217 14.11 10.07 -5.99
C LYS B 217 13.85 9.29 -4.70
N ALA B 218 12.67 8.68 -4.56
CA ALA B 218 12.40 7.98 -3.30
C ALA B 218 12.80 6.49 -3.34
N ILE B 219 12.92 5.85 -4.51
CA ILE B 219 13.20 4.39 -4.56
C ILE B 219 14.67 4.12 -4.22
N GLN B 220 15.54 5.11 -4.45
CA GLN B 220 16.99 5.00 -4.14
C GLN B 220 17.29 5.81 -2.87
N LYS B 221 16.40 6.73 -2.50
CA LYS B 221 16.45 7.32 -1.14
C LYS B 221 15.79 6.34 -0.17
N ARG B 222 15.01 5.40 -0.71
CA ARG B 222 14.24 4.40 0.09
C ARG B 222 14.93 3.03 0.11
N ARG B 223 16.22 2.92 -0.27
CA ARG B 223 16.97 1.64 -0.24
C ARG B 223 17.67 1.37 1.10
N GLN B 224 18.70 2.15 1.44
CA GLN B 224 19.42 2.00 2.75
C GLN B 224 19.16 3.29 3.55
N SER B 225 18.46 4.24 2.94
CA SER B 225 18.14 5.55 3.55
C SER B 225 16.68 6.00 3.40
N GLN B 226 15.74 5.06 3.52
CA GLN B 226 14.28 5.38 3.48
C GLN B 226 13.83 6.24 4.65
N GLU B 227 13.55 7.53 4.41
CA GLU B 227 12.73 8.32 5.36
C GLU B 227 11.39 7.57 5.26
N LYS B 228 10.98 6.92 6.36
CA LYS B 228 9.60 6.39 6.49
C LYS B 228 8.96 7.36 7.49
N ILE B 229 7.96 8.10 7.01
CA ILE B 229 7.11 9.03 7.80
C ILE B 229 5.65 8.63 7.53
N ASP B 230 4.70 8.86 8.45
CA ASP B 230 3.25 8.72 8.13
C ASP B 230 3.02 9.42 6.78
N ASP B 231 2.58 8.66 5.78
CA ASP B 231 2.61 8.98 4.32
C ASP B 231 1.33 8.47 3.66
N ILE B 232 1.08 8.90 2.42
CA ILE B 232 0.16 8.28 1.42
C ILE B 232 0.95 8.02 0.12
N LEU B 233 2.22 7.66 0.25
CA LEU B 233 3.25 7.83 -0.82
C LEU B 233 3.95 6.49 -1.07
N GLN B 234 4.44 5.92 0.03
CA GLN B 234 5.03 4.57 0.00
C GLN B 234 3.91 3.59 -0.36
N THR B 235 2.65 3.99 -0.20
CA THR B 235 1.54 3.00 -0.31
C THR B 235 1.68 2.24 -1.63
N LEU B 236 1.84 2.95 -2.76
CA LEU B 236 1.98 2.29 -4.07
C LEU B 236 3.34 1.59 -4.15
N LEU B 237 4.40 2.18 -3.58
CA LEU B 237 5.76 1.58 -3.59
C LEU B 237 5.79 0.37 -2.66
N ASP B 238 4.97 0.36 -1.59
CA ASP B 238 4.96 -0.71 -0.57
C ASP B 238 3.85 -1.72 -0.85
N ALA B 239 2.99 -1.51 -1.85
CA ALA B 239 1.85 -2.41 -2.10
C ALA B 239 2.34 -3.66 -2.84
N THR B 240 1.55 -4.75 -2.78
CA THR B 240 1.66 -5.92 -3.69
C THR B 240 0.26 -6.31 -4.13
N TYR B 241 0.13 -6.92 -5.32
CA TYR B 241 -1.11 -7.62 -5.73
C TYR B 241 -1.34 -8.80 -4.78
N LYS B 242 -2.53 -9.40 -4.84
CA LYS B 242 -2.92 -10.53 -3.96
C LYS B 242 -1.98 -11.72 -4.19
N ASP B 243 -1.28 -11.77 -5.33
CA ASP B 243 -0.37 -12.89 -5.67
C ASP B 243 1.03 -12.59 -5.13
N GLY B 244 1.19 -11.48 -4.39
CA GLY B 244 2.47 -11.10 -3.75
C GLY B 244 3.36 -10.24 -4.62
N ARG B 245 3.02 -9.97 -5.89
CA ARG B 245 3.92 -9.21 -6.81
C ARG B 245 3.84 -7.72 -6.50
N PRO B 246 4.99 -7.04 -6.29
CA PRO B 246 5.04 -5.60 -6.12
C PRO B 246 4.80 -4.88 -7.45
N LEU B 247 4.40 -3.61 -7.40
CA LEU B 247 4.15 -2.83 -8.63
C LEU B 247 5.49 -2.50 -9.28
N THR B 248 5.55 -2.48 -10.61
CA THR B 248 6.71 -1.91 -11.36
C THR B 248 6.65 -0.38 -11.24
N ASP B 249 7.74 0.28 -11.62
CA ASP B 249 7.85 1.76 -11.63
C ASP B 249 6.85 2.29 -12.66
N ASP B 250 6.62 1.49 -13.71
CA ASP B 250 5.68 1.83 -14.79
C ASP B 250 4.25 1.88 -14.23
N GLU B 251 3.84 0.85 -13.49
CA GLU B 251 2.51 0.74 -12.83
C GLU B 251 2.34 1.90 -11.84
N VAL B 252 3.33 2.16 -10.99
CA VAL B 252 3.24 3.26 -9.98
C VAL B 252 3.03 4.58 -10.74
N ALA B 253 3.84 4.86 -11.76
CA ALA B 253 3.74 6.08 -12.60
C ALA B 253 2.31 6.20 -13.15
N GLY B 254 1.83 5.12 -13.77
CA GLY B 254 0.50 5.06 -14.43
C GLY B 254 -0.60 5.45 -13.46
N MET B 255 -0.58 4.86 -12.26
CA MET B 255 -1.58 5.10 -11.20
C MET B 255 -1.47 6.54 -10.68
N LEU B 256 -0.27 7.13 -10.72
CA LEU B 256 -0.06 8.53 -10.25
C LEU B 256 -0.63 9.50 -11.29
N ILE B 257 -0.48 9.22 -12.59
CA ILE B 257 -1.03 10.09 -13.67
C ILE B 257 -2.57 10.06 -13.58
N GLY B 258 -3.09 8.85 -13.38
CA GLY B 258 -4.54 8.55 -13.31
C GLY B 258 -5.19 9.17 -12.08
N LEU B 259 -4.55 9.03 -10.91
CA LEU B 259 -5.10 9.66 -9.68
C LEU B 259 -5.16 11.18 -9.90
N LEU B 260 -4.14 11.77 -10.52
CA LEU B 260 -4.14 13.25 -10.66
C LEU B 260 -5.15 13.65 -11.75
N LEU B 261 -5.34 12.81 -12.77
CA LEU B 261 -6.35 13.11 -13.83
C LEU B 261 -7.76 13.03 -13.22
N ALA B 262 -8.03 12.00 -12.42
CA ALA B 262 -9.33 11.81 -11.74
C ALA B 262 -9.59 13.02 -10.83
N GLY B 263 -8.59 13.47 -10.08
CA GLY B 263 -8.80 14.59 -9.15
C GLY B 263 -8.96 15.94 -9.84
N GLN B 264 -8.58 16.08 -11.10
CA GLN B 264 -8.56 17.43 -11.73
C GLN B 264 -9.35 17.61 -13.03
N ALA B 265 -9.49 16.58 -13.86
CA ALA B 265 -10.08 16.80 -15.21
C ALA B 265 -11.60 16.85 -15.04
N THR B 266 -12.10 16.29 -13.93
CA THR B 266 -13.55 16.19 -13.61
C THR B 266 -14.00 17.43 -12.82
N SER B 267 -13.12 17.94 -11.95
CA SER B 267 -13.43 19.03 -10.99
C SER B 267 -13.28 20.41 -11.65
N SER B 268 -12.38 20.52 -12.63
CA SER B 268 -11.98 21.81 -13.24
C SER B 268 -13.14 22.35 -14.09
N THR B 269 -13.75 21.48 -14.91
CA THR B 269 -14.91 21.87 -15.77
C THR B 269 -16.11 22.15 -14.87
N THR B 270 -16.45 21.22 -13.98
CA THR B 270 -17.58 21.38 -13.01
C THR B 270 -17.42 22.71 -12.27
N SER B 271 -16.25 22.95 -11.67
CA SER B 271 -15.95 24.17 -10.85
C SER B 271 -16.16 25.45 -11.69
N ALA B 272 -15.83 25.41 -12.99
CA ALA B 272 -15.95 26.54 -13.93
C ALA B 272 -17.44 26.81 -14.21
N TRP B 273 -18.16 25.77 -14.61
CA TRP B 273 -19.61 25.86 -14.93
C TRP B 273 -20.34 26.44 -13.72
N MET B 274 -20.01 25.98 -12.51
CA MET B 274 -20.69 26.47 -11.29
C MET B 274 -20.40 27.96 -11.13
N GLY B 275 -19.18 28.40 -11.44
CA GLY B 275 -18.82 29.82 -11.58
C GLY B 275 -19.86 30.60 -12.37
N PHE B 276 -20.14 30.19 -13.61
CA PHE B 276 -21.05 30.93 -14.52
C PHE B 276 -22.52 30.81 -14.08
N PHE B 277 -22.91 29.66 -13.53
CA PHE B 277 -24.30 29.48 -13.03
C PHE B 277 -24.58 30.52 -11.94
N LEU B 278 -23.58 30.74 -11.08
CA LEU B 278 -23.71 31.65 -9.90
C LEU B 278 -23.56 33.11 -10.33
N ALA B 279 -22.75 33.38 -11.37
CA ALA B 279 -22.55 34.74 -11.93
C ALA B 279 -23.83 35.17 -12.66
N ARG B 280 -24.56 34.22 -13.25
CA ARG B 280 -25.84 34.52 -13.96
C ARG B 280 -26.93 34.80 -12.93
N ASP B 281 -27.06 33.94 -11.91
CA ASP B 281 -28.09 34.08 -10.85
C ASP B 281 -27.46 34.80 -9.65
N LYS B 282 -27.46 36.14 -9.65
CA LYS B 282 -26.81 36.95 -8.59
C LYS B 282 -27.53 36.74 -7.25
N THR B 283 -28.86 36.60 -7.29
CA THR B 283 -29.70 36.34 -6.07
C THR B 283 -29.20 35.04 -5.42
N LEU B 284 -28.99 34.01 -6.23
CA LEU B 284 -28.52 32.69 -5.74
C LEU B 284 -27.10 32.84 -5.19
N GLN B 285 -26.24 33.59 -5.88
CA GLN B 285 -24.84 33.81 -5.43
C GLN B 285 -24.84 34.50 -4.05
N LYS B 286 -25.71 35.49 -3.85
CA LYS B 286 -25.75 36.23 -2.56
C LYS B 286 -26.18 35.27 -1.44
N LYS B 287 -27.19 34.43 -1.69
CA LYS B 287 -27.69 33.44 -0.69
C LYS B 287 -26.55 32.50 -0.29
N CYS B 288 -25.68 32.12 -1.24
CA CYS B 288 -24.53 31.20 -1.00
C CYS B 288 -23.53 31.89 -0.07
N TYR B 289 -23.19 33.15 -0.35
CA TYR B 289 -22.28 33.96 0.49
C TYR B 289 -22.92 34.15 1.88
N LEU B 290 -24.21 34.48 1.92
CA LEU B 290 -24.95 34.65 3.20
C LEU B 290 -24.92 33.32 3.97
N GLU B 291 -24.96 32.19 3.26
CA GLU B 291 -24.90 30.86 3.92
C GLU B 291 -23.56 30.69 4.63
N GLN B 292 -22.45 31.12 3.99
CA GLN B 292 -21.09 31.02 4.58
C GLN B 292 -21.13 31.59 6.01
N LYS B 293 -21.78 32.74 6.19
CA LYS B 293 -21.84 33.48 7.48
C LYS B 293 -22.86 32.81 8.40
N THR B 294 -24.00 32.36 7.87
CA THR B 294 -25.07 31.69 8.67
C THR B 294 -24.52 30.43 9.36
N VAL B 295 -23.66 29.67 8.68
CA VAL B 295 -23.21 28.38 9.27
C VAL B 295 -21.82 28.48 9.88
N CYS B 296 -20.98 29.35 9.35
CA CYS B 296 -19.56 29.48 9.80
C CYS B 296 -19.41 30.62 10.80
N GLY B 297 -20.15 31.72 10.61
CA GLY B 297 -20.09 32.93 11.46
C GLY B 297 -19.70 34.15 10.65
N GLU B 298 -20.09 35.34 11.10
CA GLU B 298 -19.94 36.60 10.30
C GLU B 298 -18.47 36.94 10.11
N ASN B 299 -17.63 36.47 11.05
CA ASN B 299 -16.15 36.70 11.07
C ASN B 299 -15.49 35.88 9.97
N LEU B 300 -16.19 34.85 9.48
CA LEU B 300 -15.67 33.96 8.41
C LEU B 300 -14.31 33.38 8.81
N PRO B 301 -14.24 32.60 9.90
CA PRO B 301 -13.00 31.96 10.36
C PRO B 301 -12.68 30.78 9.44
N PRO B 302 -11.48 30.05 9.49
CA PRO B 302 -11.08 28.93 8.65
C PRO B 302 -12.10 27.79 8.47
N LEU B 303 -12.19 27.24 7.26
CA LEU B 303 -13.19 26.19 6.94
C LEU B 303 -12.78 24.89 7.65
N THR B 304 -13.79 24.18 8.15
CA THR B 304 -13.66 22.81 8.71
C THR B 304 -14.57 21.88 7.91
N TYR B 305 -14.28 20.58 7.99
CA TYR B 305 -15.06 19.49 7.32
C TYR B 305 -16.51 19.53 7.81
N ASP B 306 -16.74 19.82 9.09
CA ASP B 306 -18.08 19.77 9.72
C ASP B 306 -18.93 20.96 9.24
N GLN B 307 -18.31 22.11 8.98
CA GLN B 307 -18.99 23.27 8.34
C GLN B 307 -19.43 22.89 6.91
N LEU B 308 -18.53 22.29 6.12
CA LEU B 308 -18.85 21.90 4.72
C LEU B 308 -20.18 21.12 4.68
N LYS B 309 -20.34 20.17 5.61
CA LYS B 309 -21.54 19.28 5.71
C LYS B 309 -22.81 20.13 5.88
N ASP B 310 -22.71 21.33 6.44
CA ASP B 310 -23.87 22.19 6.79
C ASP B 310 -24.02 23.28 5.73
N LEU B 311 -23.21 23.26 4.67
CA LEU B 311 -23.33 24.20 3.52
C LEU B 311 -24.29 23.59 2.50
N ASN B 312 -25.57 23.54 2.85
CA ASN B 312 -26.60 22.70 2.18
C ASN B 312 -26.97 23.34 0.84
N LEU B 313 -27.02 24.66 0.77
CA LEU B 313 -27.36 25.38 -0.48
C LEU B 313 -26.18 25.23 -1.46
N LEU B 314 -24.96 25.41 -0.99
CA LEU B 314 -23.75 25.24 -1.85
C LEU B 314 -23.69 23.79 -2.31
N ASP B 315 -24.12 22.86 -1.45
CA ASP B 315 -24.19 21.41 -1.77
C ASP B 315 -25.13 21.21 -2.97
N ARG B 316 -26.34 21.78 -2.92
CA ARG B 316 -27.35 21.65 -4.01
C ARG B 316 -26.89 22.36 -5.29
N CYS B 317 -26.09 23.43 -5.18
CA CYS B 317 -25.52 24.16 -6.34
C CYS B 317 -24.49 23.28 -7.06
N ILE B 318 -23.71 22.50 -6.31
CA ILE B 318 -22.75 21.53 -6.92
C ILE B 318 -23.55 20.39 -7.57
N LYS B 319 -24.55 19.88 -6.84
CA LYS B 319 -25.45 18.81 -7.35
C LYS B 319 -26.09 19.27 -8.68
N GLU B 320 -26.56 20.51 -8.73
CA GLU B 320 -27.28 21.08 -9.91
C GLU B 320 -26.27 21.34 -11.04
N THR B 321 -25.02 21.69 -10.72
CA THR B 321 -23.96 21.86 -11.75
C THR B 321 -23.66 20.50 -12.39
N LEU B 322 -23.51 19.45 -11.57
CA LEU B 322 -23.29 18.08 -12.08
C LEU B 322 -24.54 17.59 -12.82
N ARG B 323 -25.73 18.12 -12.52
CA ARG B 323 -26.96 17.69 -13.26
C ARG B 323 -26.88 18.21 -14.70
N LEU B 324 -26.55 19.50 -14.88
CA LEU B 324 -26.67 20.18 -16.19
C LEU B 324 -25.37 20.08 -17.00
N ARG B 325 -24.23 19.90 -16.34
CA ARG B 325 -22.89 19.93 -16.99
C ARG B 325 -22.00 18.84 -16.38
N PRO B 326 -22.42 17.56 -16.41
CA PRO B 326 -21.58 16.49 -15.89
C PRO B 326 -20.34 16.38 -16.76
N PRO B 327 -19.13 16.22 -16.17
CA PRO B 327 -17.90 16.12 -16.97
C PRO B 327 -17.84 14.84 -17.82
N ILE B 328 -18.49 13.76 -17.36
CA ILE B 328 -18.68 12.53 -18.17
C ILE B 328 -20.12 12.50 -18.71
N MET B 329 -20.22 12.74 -20.02
CA MET B 329 -21.52 12.86 -20.71
C MET B 329 -22.01 11.50 -21.19
N ILE B 330 -21.12 10.54 -21.42
CA ILE B 330 -21.49 9.18 -21.92
C ILE B 330 -20.59 8.15 -21.24
N MET B 331 -21.15 6.97 -20.95
CA MET B 331 -20.36 5.79 -20.51
C MET B 331 -20.63 4.63 -21.46
N MET B 332 -19.59 3.83 -21.74
CA MET B 332 -19.66 2.85 -22.85
C MET B 332 -19.23 1.47 -22.36
N ARG B 333 -19.85 0.44 -22.96
CA ARG B 333 -19.52 -0.99 -22.74
C ARG B 333 -19.61 -1.71 -24.09
N MET B 334 -18.87 -2.81 -24.22
CA MET B 334 -19.05 -3.77 -25.32
C MET B 334 -19.91 -4.94 -24.82
N ALA B 335 -21.03 -5.23 -25.48
CA ALA B 335 -21.83 -6.46 -25.22
C ALA B 335 -20.98 -7.67 -25.60
N ARG B 336 -20.65 -8.53 -24.62
CA ARG B 336 -19.94 -9.80 -24.84
C ARG B 336 -20.97 -10.94 -24.88
N THR B 337 -22.15 -10.74 -24.27
CA THR B 337 -23.23 -11.76 -24.24
C THR B 337 -24.55 -11.08 -24.62
N PRO B 338 -25.58 -11.83 -25.06
CA PRO B 338 -26.87 -11.22 -25.36
C PRO B 338 -27.49 -10.61 -24.10
N GLN B 339 -28.08 -9.41 -24.24
CA GLN B 339 -28.66 -8.63 -23.12
C GLN B 339 -30.08 -8.22 -23.52
N THR B 340 -31.02 -8.22 -22.56
CA THR B 340 -32.44 -7.88 -22.80
C THR B 340 -32.76 -6.59 -22.03
N VAL B 341 -33.56 -5.71 -22.62
CA VAL B 341 -34.03 -4.44 -21.99
C VAL B 341 -35.26 -3.95 -22.75
N ALA B 342 -36.30 -3.55 -22.02
CA ALA B 342 -37.49 -2.89 -22.60
C ALA B 342 -38.06 -3.75 -23.74
N GLY B 343 -37.92 -5.08 -23.65
CA GLY B 343 -38.50 -6.03 -24.63
C GLY B 343 -37.58 -6.27 -25.81
N TYR B 344 -36.35 -5.72 -25.78
CA TYR B 344 -35.40 -5.85 -26.91
C TYR B 344 -34.25 -6.77 -26.50
N THR B 345 -33.68 -7.48 -27.48
CA THR B 345 -32.44 -8.28 -27.29
C THR B 345 -31.29 -7.55 -27.98
N ILE B 346 -30.25 -7.20 -27.21
CA ILE B 346 -29.00 -6.60 -27.73
C ILE B 346 -28.00 -7.73 -27.96
N PRO B 347 -27.52 -7.93 -29.21
CA PRO B 347 -26.59 -9.01 -29.50
C PRO B 347 -25.16 -8.62 -29.13
N PRO B 348 -24.30 -9.62 -28.86
CA PRO B 348 -22.88 -9.35 -28.63
C PRO B 348 -22.31 -8.53 -29.79
N GLY B 349 -21.38 -7.62 -29.50
CA GLY B 349 -20.69 -6.83 -30.55
C GLY B 349 -21.27 -5.43 -30.64
N HIS B 350 -22.49 -5.22 -30.16
CA HIS B 350 -23.07 -3.86 -29.98
C HIS B 350 -22.21 -3.12 -28.94
N GLN B 351 -21.93 -1.84 -29.17
CA GLN B 351 -21.39 -1.00 -28.07
C GLN B 351 -22.61 -0.38 -27.38
N VAL B 352 -22.79 -0.69 -26.09
CA VAL B 352 -23.96 -0.19 -25.32
C VAL B 352 -23.53 1.03 -24.49
N CYS B 353 -24.32 2.09 -24.56
CA CYS B 353 -23.99 3.42 -23.95
C CYS B 353 -25.16 3.92 -23.10
N VAL B 354 -24.79 4.69 -22.08
CA VAL B 354 -25.74 5.56 -21.33
C VAL B 354 -25.15 6.97 -21.35
N SER B 355 -26.00 7.97 -21.13
CA SER B 355 -25.63 9.40 -21.07
C SER B 355 -26.19 10.00 -19.78
N PRO B 356 -25.33 10.28 -18.78
CA PRO B 356 -25.78 11.00 -17.59
C PRO B 356 -26.39 12.35 -17.99
N THR B 357 -25.80 13.05 -18.96
CA THR B 357 -26.28 14.38 -19.42
C THR B 357 -27.74 14.27 -19.89
N VAL B 358 -28.03 13.28 -20.74
CA VAL B 358 -29.40 13.12 -21.33
C VAL B 358 -30.37 12.74 -20.21
N ASN B 359 -30.01 11.75 -19.38
CA ASN B 359 -30.88 11.25 -18.28
C ASN B 359 -31.17 12.40 -17.32
N GLN B 360 -30.16 13.23 -17.06
CA GLN B 360 -30.26 14.30 -16.02
C GLN B 360 -31.06 15.50 -16.54
N ARG B 361 -31.49 15.51 -17.79
CA ARG B 361 -32.37 16.59 -18.31
C ARG B 361 -33.55 16.02 -19.11
N LEU B 362 -33.81 14.72 -19.03
CA LEU B 362 -34.93 14.05 -19.74
C LEU B 362 -36.22 14.83 -19.51
N LYS B 363 -36.93 15.20 -20.57
CA LYS B 363 -38.06 16.16 -20.48
C LYS B 363 -39.23 15.55 -19.70
N ASP B 364 -39.39 14.23 -19.73
CA ASP B 364 -40.53 13.57 -19.04
C ASP B 364 -40.19 13.29 -17.58
N SER B 365 -38.99 13.63 -17.11
CA SER B 365 -38.60 13.37 -15.70
C SER B 365 -38.31 14.67 -14.95
N TRP B 366 -37.68 15.65 -15.61
CA TRP B 366 -37.18 16.87 -14.92
C TRP B 366 -38.00 18.11 -15.29
N VAL B 367 -38.60 18.75 -14.28
CA VAL B 367 -39.32 20.05 -14.47
C VAL B 367 -38.26 21.10 -14.81
N GLU B 368 -38.61 22.09 -15.64
CA GLU B 368 -37.69 23.23 -15.93
C GLU B 368 -36.30 22.68 -16.25
N ARG B 369 -36.24 21.74 -17.20
CA ARG B 369 -35.14 20.74 -17.30
C ARG B 369 -33.81 21.43 -17.59
N LEU B 370 -33.83 22.57 -18.27
CA LEU B 370 -32.60 23.29 -18.71
C LEU B 370 -32.20 24.35 -17.69
N ASP B 371 -33.06 24.56 -16.68
CA ASP B 371 -32.90 25.68 -15.71
C ASP B 371 -32.01 25.22 -14.54
N PHE B 372 -31.17 26.13 -14.07
CA PHE B 372 -30.30 25.92 -12.89
C PHE B 372 -31.09 26.30 -11.65
N ASN B 373 -31.64 25.28 -10.98
CA ASN B 373 -32.52 25.49 -9.80
C ASN B 373 -32.14 24.52 -8.69
N PRO B 374 -31.16 24.88 -7.84
CA PRO B 374 -30.75 24.03 -6.73
C PRO B 374 -31.88 23.67 -5.75
N ASP B 375 -32.97 24.44 -5.74
CA ASP B 375 -34.10 24.20 -4.81
C ASP B 375 -34.98 23.06 -5.33
N ARG B 376 -34.72 22.54 -6.53
CA ARG B 376 -35.52 21.40 -7.07
C ARG B 376 -35.34 20.18 -6.16
N TYR B 377 -34.22 20.09 -5.43
CA TYR B 377 -33.95 18.90 -4.57
C TYR B 377 -34.63 19.06 -3.21
N LEU B 378 -35.28 20.20 -2.94
CA LEU B 378 -36.01 20.40 -1.66
C LEU B 378 -37.42 19.83 -1.75
N GLN B 379 -37.84 19.38 -2.93
CA GLN B 379 -39.14 18.68 -3.10
C GLN B 379 -38.92 17.42 -3.94
N ASP B 380 -40.01 16.69 -4.20
CA ASP B 380 -39.98 15.44 -5.00
C ASP B 380 -39.17 15.70 -6.29
N ASN B 381 -38.19 14.84 -6.56
CA ASN B 381 -37.31 15.02 -7.74
C ASN B 381 -36.78 13.65 -8.14
N PRO B 382 -36.39 13.48 -9.43
CA PRO B 382 -35.95 12.17 -9.90
C PRO B 382 -34.59 11.71 -9.34
N ALA B 383 -33.80 12.59 -8.71
CA ALA B 383 -32.52 12.19 -8.07
C ALA B 383 -32.82 11.25 -6.89
N SER B 384 -33.94 11.46 -6.20
CA SER B 384 -34.38 10.60 -5.07
C SER B 384 -35.57 9.73 -5.50
N GLY B 385 -36.34 10.18 -6.49
CA GLY B 385 -37.57 9.49 -6.94
C GLY B 385 -37.31 8.36 -7.92
N GLU B 386 -36.16 8.37 -8.61
CA GLU B 386 -35.80 7.29 -9.57
C GLU B 386 -34.42 6.73 -9.23
N LYS B 387 -34.07 5.57 -9.79
CA LYS B 387 -32.76 4.91 -9.56
C LYS B 387 -31.63 5.61 -10.32
N PHE B 388 -31.81 5.82 -11.63
CA PHE B 388 -30.70 6.12 -12.57
C PHE B 388 -31.00 7.35 -13.43
N ALA B 389 -31.82 8.29 -12.95
CA ALA B 389 -32.10 9.57 -13.66
C ALA B 389 -30.96 10.54 -13.39
N TYR B 390 -30.35 10.44 -12.20
CA TYR B 390 -29.24 11.32 -11.76
C TYR B 390 -28.04 10.45 -11.38
N VAL B 391 -27.05 10.37 -12.29
CA VAL B 391 -25.93 9.41 -12.12
C VAL B 391 -24.63 10.06 -12.61
N PRO B 392 -24.20 11.21 -12.05
CA PRO B 392 -22.99 11.88 -12.56
C PRO B 392 -21.70 11.15 -12.18
N PHE B 393 -21.77 10.27 -11.18
CA PHE B 393 -20.63 9.48 -10.66
C PHE B 393 -20.85 8.00 -11.01
N GLY B 394 -21.76 7.73 -11.95
CA GLY B 394 -22.10 6.35 -12.36
C GLY B 394 -22.75 5.59 -11.21
N ALA B 395 -22.77 4.27 -11.32
CA ALA B 395 -23.50 3.35 -10.42
C ALA B 395 -23.05 1.92 -10.72
N GLY B 396 -23.10 1.02 -9.73
CA GLY B 396 -22.76 -0.40 -9.94
C GLY B 396 -21.26 -0.64 -9.93
N ARG B 397 -20.77 -1.57 -10.76
CA ARG B 397 -19.42 -2.17 -10.55
C ARG B 397 -18.32 -1.22 -11.04
N HIS B 398 -18.63 -0.26 -11.91
CA HIS B 398 -17.63 0.72 -12.43
C HIS B 398 -17.86 2.10 -11.81
N ARG B 399 -18.63 2.17 -10.73
CA ARG B 399 -18.96 3.46 -10.08
C ARG B 399 -17.72 4.16 -9.51
N CYS B 400 -17.82 5.48 -9.37
CA CYS B 400 -16.71 6.33 -8.89
C CYS B 400 -16.36 6.02 -7.43
N ILE B 401 -15.07 6.18 -7.09
CA ILE B 401 -14.57 6.13 -5.69
C ILE B 401 -14.33 7.56 -5.18
N GLY B 402 -14.43 8.58 -6.03
CA GLY B 402 -13.92 9.93 -5.72
C GLY B 402 -15.00 10.92 -5.34
N GLU B 403 -16.26 10.50 -5.19
CA GLU B 403 -17.40 11.45 -5.07
C GLU B 403 -17.20 12.34 -3.84
N ASN B 404 -16.90 11.74 -2.69
CA ASN B 404 -16.74 12.51 -1.43
C ASN B 404 -15.56 13.48 -1.58
N PHE B 405 -14.45 13.05 -2.16
CA PHE B 405 -13.28 13.96 -2.33
C PHE B 405 -13.68 15.13 -3.23
N ALA B 406 -14.35 14.83 -4.35
CA ALA B 406 -14.74 15.85 -5.35
C ALA B 406 -15.56 16.94 -4.67
N TYR B 407 -16.51 16.54 -3.81
CA TYR B 407 -17.42 17.46 -3.09
C TYR B 407 -16.61 18.29 -2.07
N VAL B 408 -15.69 17.66 -1.34
CA VAL B 408 -14.81 18.37 -0.37
C VAL B 408 -13.99 19.40 -1.15
N GLN B 409 -13.45 18.99 -2.30
CA GLN B 409 -12.56 19.88 -3.11
C GLN B 409 -13.37 21.07 -3.66
N ILE B 410 -14.50 20.82 -4.32
CA ILE B 410 -15.28 21.88 -5.01
C ILE B 410 -15.95 22.80 -3.99
N LYS B 411 -16.40 22.26 -2.86
CA LYS B 411 -17.09 23.05 -1.81
C LYS B 411 -16.08 24.01 -1.17
N THR B 412 -14.91 23.49 -0.81
CA THR B 412 -13.85 24.28 -0.15
C THR B 412 -13.35 25.38 -1.09
N ILE B 413 -13.11 25.04 -2.36
CA ILE B 413 -12.64 26.04 -3.36
C ILE B 413 -13.72 27.12 -3.55
N TRP B 414 -14.99 26.74 -3.69
CA TRP B 414 -16.06 27.72 -3.99
C TRP B 414 -16.49 28.47 -2.73
N SER B 415 -16.44 27.80 -1.57
CA SER B 415 -16.60 28.44 -0.25
C SER B 415 -15.58 29.59 -0.15
N THR B 416 -14.32 29.29 -0.46
CA THR B 416 -13.19 30.27 -0.41
C THR B 416 -13.40 31.36 -1.47
N MET B 417 -13.69 30.97 -2.72
CA MET B 417 -13.75 31.93 -3.86
C MET B 417 -14.87 32.95 -3.63
N LEU B 418 -15.98 32.56 -2.99
CA LEU B 418 -17.15 33.44 -2.77
C LEU B 418 -16.85 34.40 -1.61
N ARG B 419 -16.02 33.98 -0.65
CA ARG B 419 -15.57 34.84 0.47
C ARG B 419 -14.64 35.94 -0.07
N LEU B 420 -13.94 35.66 -1.17
CA LEU B 420 -12.90 36.55 -1.76
C LEU B 420 -13.52 37.55 -2.73
N TYR B 421 -14.57 37.15 -3.44
CA TYR B 421 -15.01 37.80 -4.69
C TYR B 421 -16.51 37.64 -4.92
N GLU B 422 -17.09 38.68 -5.54
CA GLU B 422 -18.41 38.66 -6.24
C GLU B 422 -18.11 38.49 -7.73
N PHE B 423 -18.83 37.58 -8.37
CA PHE B 423 -18.63 37.17 -9.79
C PHE B 423 -19.84 37.64 -10.59
N ASP B 424 -19.61 38.02 -11.85
CA ASP B 424 -20.67 38.52 -12.76
C ASP B 424 -20.37 38.05 -14.19
N LEU B 425 -21.42 37.92 -15.02
CA LEU B 425 -21.25 37.68 -16.47
C LEU B 425 -20.63 38.94 -17.10
N ILE B 426 -19.90 38.76 -18.20
CA ILE B 426 -19.40 39.89 -19.04
C ILE B 426 -20.39 40.09 -20.19
N ASP B 427 -21.15 41.18 -20.15
CA ASP B 427 -22.16 41.52 -21.20
C ASP B 427 -23.21 40.41 -21.29
N GLY B 428 -23.62 39.90 -20.14
CA GLY B 428 -24.65 38.85 -20.03
C GLY B 428 -24.37 37.65 -20.91
N TYR B 429 -23.11 37.41 -21.29
CA TYR B 429 -22.69 36.19 -22.04
C TYR B 429 -22.62 34.99 -21.08
N PHE B 430 -23.35 33.92 -21.40
CA PHE B 430 -23.25 32.60 -20.71
C PHE B 430 -22.48 31.63 -21.60
N PRO B 431 -21.35 31.04 -21.11
CA PRO B 431 -20.55 30.15 -21.96
C PRO B 431 -21.39 29.03 -22.59
N THR B 432 -21.26 28.88 -23.91
CA THR B 432 -21.80 27.73 -24.67
C THR B 432 -20.86 26.53 -24.47
N VAL B 433 -21.30 25.35 -24.91
CA VAL B 433 -20.56 24.07 -24.65
C VAL B 433 -19.58 23.79 -25.78
N ASN B 434 -18.32 23.49 -25.44
CA ASN B 434 -17.26 23.03 -26.37
C ASN B 434 -17.33 21.50 -26.45
N TYR B 435 -17.66 20.94 -27.62
CA TYR B 435 -17.83 19.49 -27.85
C TYR B 435 -16.54 18.91 -28.45
N THR B 436 -15.45 19.69 -28.43
CA THR B 436 -14.14 19.25 -28.97
C THR B 436 -13.79 17.92 -28.31
N THR B 437 -13.86 17.86 -26.98
CA THR B 437 -13.59 16.62 -26.21
C THR B 437 -14.90 16.15 -25.59
N MET B 438 -14.89 14.94 -25.03
CA MET B 438 -16.11 14.31 -24.44
C MET B 438 -16.19 14.67 -22.95
N ILE B 439 -15.22 15.42 -22.47
CA ILE B 439 -15.36 16.24 -21.23
C ILE B 439 -15.69 17.67 -21.65
N HIS B 440 -16.98 18.03 -21.65
CA HIS B 440 -17.49 19.30 -22.23
C HIS B 440 -17.00 20.48 -21.38
N THR B 441 -16.46 21.51 -22.05
CA THR B 441 -15.84 22.67 -21.37
C THR B 441 -16.54 23.95 -21.83
N PRO B 442 -16.63 24.97 -20.95
CA PRO B 442 -17.23 26.25 -21.31
C PRO B 442 -16.38 27.03 -22.33
N GLU B 443 -16.99 27.46 -23.43
CA GLU B 443 -16.36 28.36 -24.45
C GLU B 443 -16.27 29.79 -23.89
N ASN B 444 -15.13 30.45 -24.12
CA ASN B 444 -14.87 31.85 -23.70
C ASN B 444 -15.17 32.00 -22.21
N PRO B 445 -14.52 31.20 -21.33
CA PRO B 445 -14.90 31.18 -19.92
C PRO B 445 -14.24 32.33 -19.15
N VAL B 446 -14.42 33.57 -19.60
CA VAL B 446 -13.85 34.78 -18.91
C VAL B 446 -14.91 35.34 -17.96
N ILE B 447 -14.54 35.47 -16.68
CA ILE B 447 -15.48 35.91 -15.60
C ILE B 447 -15.02 37.27 -15.08
N ARG B 448 -15.99 38.11 -14.70
CA ARG B 448 -15.71 39.40 -14.01
C ARG B 448 -15.82 39.17 -12.50
N TYR B 449 -14.89 39.72 -11.72
CA TYR B 449 -14.86 39.57 -10.24
C TYR B 449 -14.47 40.91 -9.61
N LYS B 450 -14.79 41.08 -8.35
CA LYS B 450 -14.42 42.26 -7.54
C LYS B 450 -14.43 41.78 -6.08
N ARG B 451 -13.73 42.44 -5.18
CA ARG B 451 -13.65 42.05 -3.73
C ARG B 451 -15.07 41.97 -3.16
N ARG B 452 -15.30 41.01 -2.25
CA ARG B 452 -16.59 40.74 -1.56
C ARG B 452 -16.83 41.77 -0.46
N SER B 453 -18.02 42.37 -0.42
CA SER B 453 -18.61 43.10 0.74
C SER B 453 -17.55 43.96 1.44
#